data_2MBK
#
_entry.id   2MBK
#
_entity_poly.entity_id   1
_entity_poly.type   'polypeptide(L)'
_entity_poly.pdbx_seq_one_letter_code
;GSWLITGTEASCENEGEVLHIPNITDNPCISCVCLNQKAECKQEKCAPLAEDCALVVKQTGACCEKCKG
;
_entity_poly.pdbx_strand_id   A
#
# COMPACT_ATOMS: atom_id res chain seq x y z
N TRP A 3 -2.01 -29.25 3.44
CA TRP A 3 -0.81 -28.68 2.78
C TRP A 3 -0.41 -27.36 3.45
N LEU A 4 0.90 -27.19 3.62
CA LEU A 4 1.43 -25.99 4.27
C LEU A 4 1.36 -24.76 3.37
N ILE A 5 0.82 -24.91 2.18
CA ILE A 5 0.71 -23.79 1.25
C ILE A 5 -0.71 -23.24 1.21
N THR A 6 -0.82 -21.92 1.33
CA THR A 6 -2.12 -21.25 1.32
C THR A 6 -2.45 -20.71 -0.07
N GLY A 7 -1.51 -20.84 -1.00
CA GLY A 7 -1.73 -20.38 -2.36
C GLY A 7 -1.31 -18.93 -2.55
N THR A 8 -1.75 -18.33 -3.65
CA THR A 8 -1.41 -16.94 -3.94
C THR A 8 -2.31 -15.97 -3.17
N GLU A 9 -3.38 -16.49 -2.60
CA GLU A 9 -4.31 -15.66 -1.84
C GLU A 9 -3.98 -15.68 -0.35
N ALA A 10 -4.01 -14.51 0.26
CA ALA A 10 -3.73 -14.37 1.68
C ALA A 10 -5.02 -14.13 2.46
N SER A 11 -5.21 -14.90 3.53
CA SER A 11 -6.40 -14.77 4.36
C SER A 11 -6.05 -14.27 5.76
N CYS A 12 -6.99 -13.58 6.38
CA CYS A 12 -6.81 -13.04 7.73
C CYS A 12 -8.03 -13.32 8.58
N GLU A 13 -7.93 -13.09 9.88
CA GLU A 13 -9.04 -13.36 10.76
C GLU A 13 -9.81 -12.11 11.17
N ASN A 14 -9.12 -10.98 11.20
CA ASN A 14 -9.76 -9.72 11.60
C ASN A 14 -10.31 -8.99 10.39
N GLU A 15 -11.39 -8.24 10.60
CA GLU A 15 -12.01 -7.49 9.53
C GLU A 15 -11.50 -6.06 9.49
N GLY A 16 -10.49 -5.83 8.66
CA GLY A 16 -9.92 -4.50 8.52
C GLY A 16 -8.70 -4.26 9.40
N GLU A 17 -7.74 -5.18 9.34
CA GLU A 17 -6.51 -5.03 10.12
C GLU A 17 -5.34 -4.75 9.25
N VAL A 18 -4.70 -5.80 8.85
CA VAL A 18 -3.56 -5.69 8.01
C VAL A 18 -2.89 -7.03 7.78
N LEU A 19 -2.52 -7.24 6.53
CA LEU A 19 -1.92 -8.49 6.08
C LEU A 19 -0.88 -8.21 5.01
N HIS A 20 0.24 -7.66 5.42
CA HIS A 20 1.32 -7.32 4.50
C HIS A 20 1.85 -8.52 3.73
N ILE A 21 2.02 -8.34 2.43
CA ILE A 21 2.54 -9.38 1.55
C ILE A 21 3.72 -8.84 0.74
N PRO A 22 4.74 -9.67 0.48
CA PRO A 22 5.93 -9.25 -0.27
C PRO A 22 5.59 -8.57 -1.60
N ASN A 23 5.41 -9.37 -2.65
CA ASN A 23 5.10 -8.85 -3.99
C ASN A 23 4.06 -7.72 -3.94
N ILE A 24 3.27 -7.69 -2.87
CA ILE A 24 2.23 -6.69 -2.71
C ILE A 24 2.74 -5.48 -1.93
N THR A 25 2.89 -5.66 -0.62
CA THR A 25 3.34 -4.60 0.26
C THR A 25 4.85 -4.38 0.19
N ASP A 26 5.54 -5.15 -0.65
CA ASP A 26 6.99 -4.97 -0.78
C ASP A 26 7.30 -3.49 -0.83
N ASN A 27 6.36 -2.74 -1.38
CA ASN A 27 6.49 -1.30 -1.50
C ASN A 27 5.75 -0.60 -0.35
N PRO A 28 6.39 0.40 0.26
CA PRO A 28 5.81 1.15 1.37
C PRO A 28 4.43 1.68 1.02
N CYS A 29 4.25 2.01 -0.24
CA CYS A 29 2.98 2.53 -0.73
C CYS A 29 1.91 1.44 -0.78
N ILE A 30 2.31 0.18 -0.66
CA ILE A 30 1.36 -0.92 -0.70
C ILE A 30 1.23 -1.60 0.66
N SER A 31 0.01 -1.60 1.18
CA SER A 31 -0.31 -2.23 2.46
C SER A 31 -1.58 -3.04 2.27
N CYS A 32 -1.84 -4.03 3.12
CA CYS A 32 -3.04 -4.81 2.98
C CYS A 32 -3.85 -4.68 4.22
N VAL A 33 -5.15 -4.86 4.11
CA VAL A 33 -5.97 -4.83 5.29
C VAL A 33 -6.92 -5.95 5.21
N CYS A 34 -7.01 -6.60 6.31
CA CYS A 34 -7.81 -7.78 6.39
C CYS A 34 -9.25 -7.52 5.93
N LEU A 35 -9.48 -7.46 4.62
CA LEU A 35 -10.82 -7.21 4.11
C LEU A 35 -11.54 -8.52 3.81
N ASN A 36 -12.65 -8.74 4.49
CA ASN A 36 -13.43 -9.95 4.26
C ASN A 36 -12.50 -11.16 4.30
N GLN A 37 -11.60 -11.16 5.27
CA GLN A 37 -10.63 -12.26 5.40
C GLN A 37 -9.72 -12.29 4.19
N LYS A 38 -9.50 -11.14 3.61
CA LYS A 38 -8.65 -11.02 2.44
C LYS A 38 -7.74 -9.82 2.57
N ALA A 39 -6.58 -9.90 1.96
CA ALA A 39 -5.63 -8.80 2.03
C ALA A 39 -6.09 -7.63 1.21
N GLU A 40 -6.76 -6.68 1.86
CA GLU A 40 -7.23 -5.51 1.16
C GLU A 40 -6.05 -4.62 0.80
N CYS A 41 -5.18 -5.12 -0.05
CA CYS A 41 -3.99 -4.36 -0.43
C CYS A 41 -4.28 -3.29 -1.47
N LYS A 42 -3.75 -2.10 -1.19
CA LYS A 42 -3.90 -0.96 -2.07
C LYS A 42 -2.56 -0.22 -2.18
N GLN A 43 -2.29 0.36 -3.34
CA GLN A 43 -1.02 1.07 -3.55
C GLN A 43 -1.25 2.57 -3.69
N GLU A 44 -0.30 3.34 -3.17
CA GLU A 44 -0.36 4.78 -3.22
C GLU A 44 0.64 5.32 -4.23
N LYS A 45 0.17 6.28 -4.98
CA LYS A 45 0.98 6.95 -6.00
C LYS A 45 0.71 8.44 -5.99
N CYS A 46 1.77 9.21 -5.97
CA CYS A 46 1.68 10.66 -5.97
C CYS A 46 2.45 11.27 -7.14
N ALA A 47 2.04 12.47 -7.57
CA ALA A 47 2.67 13.15 -8.68
C ALA A 47 3.69 14.18 -8.22
N PRO A 48 4.78 14.35 -8.99
CA PRO A 48 5.85 15.32 -8.69
C PRO A 48 5.41 16.76 -8.91
N LEU A 49 6.36 17.66 -8.77
CA LEU A 49 6.11 19.08 -8.91
C LEU A 49 6.93 19.68 -10.03
N ALA A 50 8.20 19.76 -9.75
CA ALA A 50 9.20 20.34 -10.65
C ALA A 50 9.84 19.33 -11.58
N GLU A 51 9.75 18.07 -11.19
CA GLU A 51 10.35 16.97 -11.94
C GLU A 51 11.76 16.73 -11.43
N ASP A 52 12.42 17.82 -11.14
CA ASP A 52 13.78 17.81 -10.58
C ASP A 52 13.79 18.62 -9.29
N CYS A 53 12.58 18.94 -8.82
CA CYS A 53 12.36 19.71 -7.60
C CYS A 53 13.32 19.27 -6.49
N ALA A 54 13.65 20.21 -5.60
CA ALA A 54 14.55 19.92 -4.49
C ALA A 54 13.89 19.01 -3.46
N LEU A 55 12.61 18.75 -3.68
CA LEU A 55 11.83 17.90 -2.80
C LEU A 55 11.67 18.52 -1.42
N VAL A 56 10.65 19.35 -1.30
CA VAL A 56 10.36 20.04 -0.04
C VAL A 56 9.58 19.14 0.92
N VAL A 57 9.09 18.04 0.39
CA VAL A 57 8.35 17.07 1.20
C VAL A 57 8.89 15.67 1.01
N LYS A 58 9.03 14.95 2.12
CA LYS A 58 9.53 13.58 2.11
C LYS A 58 9.95 13.15 3.50
N GLN A 59 9.52 11.95 3.90
CA GLN A 59 9.86 11.43 5.22
C GLN A 59 10.81 10.24 5.10
N THR A 60 11.51 9.96 6.18
CA THR A 60 12.46 8.84 6.22
C THR A 60 11.79 7.53 5.86
N GLY A 61 10.53 7.36 6.26
CA GLY A 61 9.83 6.11 5.97
C GLY A 61 8.40 6.32 5.50
N ALA A 62 8.17 7.33 4.67
CA ALA A 62 6.83 7.60 4.16
C ALA A 62 6.74 7.28 2.67
N CYS A 63 5.55 6.85 2.24
CA CYS A 63 5.33 6.51 0.85
C CYS A 63 5.33 7.76 -0.02
N CYS A 64 4.20 8.42 0.00
CA CYS A 64 4.00 9.65 -0.77
C CYS A 64 5.15 10.62 -0.57
N GLU A 65 5.21 11.61 -1.44
CA GLU A 65 6.26 12.60 -1.41
C GLU A 65 5.95 13.79 -2.30
N LYS A 66 6.04 14.98 -1.75
CA LYS A 66 5.82 16.20 -2.51
C LYS A 66 7.18 16.85 -2.74
N CYS A 67 7.25 17.83 -3.59
CA CYS A 67 8.54 18.45 -3.84
C CYS A 67 8.46 19.93 -4.16
N LYS A 68 9.65 20.49 -4.38
CA LYS A 68 9.84 21.91 -4.71
C LYS A 68 10.96 22.53 -3.88
N GLY A 69 11.51 21.75 -2.99
CA GLY A 69 12.59 22.22 -2.13
C GLY A 69 12.14 23.35 -1.22
N TRP A 3 -11.70 -13.27 -14.23
CA TRP A 3 -11.02 -12.48 -13.16
C TRP A 3 -9.50 -12.65 -13.24
N LEU A 4 -8.78 -11.56 -13.02
CA LEU A 4 -7.32 -11.56 -13.08
C LEU A 4 -6.70 -12.28 -11.89
N ILE A 5 -7.53 -12.81 -11.01
CA ILE A 5 -7.06 -13.52 -9.82
C ILE A 5 -7.32 -15.01 -9.95
N THR A 6 -6.30 -15.81 -9.64
CA THR A 6 -6.41 -17.27 -9.72
C THR A 6 -6.60 -17.90 -8.35
N GLY A 7 -7.12 -17.12 -7.42
CA GLY A 7 -7.35 -17.62 -6.06
C GLY A 7 -6.14 -17.45 -5.18
N THR A 8 -5.26 -16.54 -5.57
CA THR A 8 -4.04 -16.27 -4.81
C THR A 8 -4.26 -15.18 -3.77
N GLU A 9 -5.53 -14.81 -3.58
CA GLU A 9 -5.88 -13.77 -2.61
C GLU A 9 -5.34 -14.11 -1.23
N ALA A 10 -4.90 -13.09 -0.50
CA ALA A 10 -4.36 -13.29 0.84
C ALA A 10 -5.42 -13.06 1.91
N SER A 11 -5.85 -14.15 2.54
CA SER A 11 -6.84 -14.06 3.60
C SER A 11 -6.18 -13.57 4.87
N CYS A 12 -6.97 -13.19 5.86
CA CYS A 12 -6.42 -12.69 7.12
C CYS A 12 -6.83 -13.56 8.30
N GLU A 13 -6.61 -13.01 9.49
CA GLU A 13 -6.95 -13.70 10.73
C GLU A 13 -8.00 -12.90 11.49
N ASN A 14 -8.05 -11.59 11.23
CA ASN A 14 -9.01 -10.70 11.89
C ASN A 14 -9.91 -9.99 10.88
N GLU A 15 -9.98 -8.66 10.94
CA GLU A 15 -10.82 -7.86 10.05
C GLU A 15 -10.27 -6.45 9.93
N GLY A 16 -9.83 -6.10 8.73
CA GLY A 16 -9.28 -4.78 8.51
C GLY A 16 -8.07 -4.52 9.40
N GLU A 17 -7.26 -5.56 9.64
CA GLU A 17 -6.10 -5.46 10.50
C GLU A 17 -4.80 -5.43 9.74
N VAL A 18 -4.87 -4.98 8.51
CA VAL A 18 -3.70 -4.84 7.68
C VAL A 18 -2.79 -6.06 7.75
N LEU A 19 -2.79 -6.83 6.66
CA LEU A 19 -1.98 -8.03 6.59
C LEU A 19 -0.80 -7.82 5.67
N HIS A 20 0.40 -7.97 6.23
CA HIS A 20 1.62 -7.79 5.47
C HIS A 20 1.77 -8.86 4.40
N ILE A 21 2.02 -8.43 3.18
CA ILE A 21 2.18 -9.34 2.05
C ILE A 21 3.60 -9.24 1.49
N PRO A 22 4.18 -10.36 1.06
CA PRO A 22 5.54 -10.39 0.52
C PRO A 22 5.81 -9.30 -0.52
N ASN A 23 5.54 -9.59 -1.79
CA ASN A 23 5.78 -8.64 -2.88
C ASN A 23 4.75 -7.50 -2.94
N ILE A 24 3.52 -7.77 -2.53
CA ILE A 24 2.45 -6.77 -2.58
C ILE A 24 2.76 -5.59 -1.66
N THR A 25 2.80 -5.85 -0.36
CA THR A 25 3.09 -4.82 0.61
C THR A 25 4.59 -4.55 0.63
N ASP A 26 5.34 -5.32 -0.16
CA ASP A 26 6.77 -5.14 -0.25
C ASP A 26 7.04 -3.66 -0.44
N ASN A 27 6.10 -2.99 -1.10
CA ASN A 27 6.21 -1.57 -1.35
C ASN A 27 5.41 -0.78 -0.33
N PRO A 28 6.05 0.18 0.35
CA PRO A 28 5.39 1.01 1.36
C PRO A 28 4.10 1.60 0.83
N CYS A 29 4.11 1.85 -0.47
CA CYS A 29 2.95 2.40 -1.14
C CYS A 29 1.80 1.41 -1.14
N ILE A 30 2.12 0.13 -0.92
CA ILE A 30 1.11 -0.91 -0.92
C ILE A 30 0.92 -1.56 0.45
N SER A 31 -0.33 -1.56 0.91
CA SER A 31 -0.70 -2.19 2.19
C SER A 31 -1.97 -3.00 1.95
N CYS A 32 -2.15 -4.12 2.67
CA CYS A 32 -3.33 -4.93 2.50
C CYS A 32 -4.08 -4.97 3.81
N VAL A 33 -5.36 -4.67 3.78
CA VAL A 33 -6.12 -4.74 5.01
C VAL A 33 -7.19 -5.76 4.90
N CYS A 34 -7.23 -6.54 5.94
CA CYS A 34 -8.14 -7.65 6.00
C CYS A 34 -9.57 -7.26 5.65
N LEU A 35 -9.88 -7.22 4.36
CA LEU A 35 -11.22 -6.90 3.90
C LEU A 35 -11.99 -8.17 3.56
N ASN A 36 -13.10 -8.40 4.22
CA ASN A 36 -13.90 -9.57 3.94
C ASN A 36 -13.01 -10.82 3.96
N GLN A 37 -12.11 -10.87 4.92
CA GLN A 37 -11.17 -11.98 5.06
C GLN A 37 -10.24 -12.03 3.87
N LYS A 38 -9.94 -10.87 3.35
CA LYS A 38 -9.04 -10.74 2.21
C LYS A 38 -8.07 -9.60 2.45
N ALA A 39 -6.86 -9.74 1.96
CA ALA A 39 -5.89 -8.68 2.14
C ALA A 39 -6.22 -7.50 1.26
N GLU A 40 -7.04 -6.60 1.78
CA GLU A 40 -7.43 -5.45 1.00
C GLU A 40 -6.23 -4.58 0.69
N CYS A 41 -5.59 -4.83 -0.44
CA CYS A 41 -4.41 -4.06 -0.80
C CYS A 41 -4.73 -2.87 -1.68
N LYS A 42 -3.90 -1.84 -1.53
CA LYS A 42 -4.03 -0.61 -2.27
C LYS A 42 -2.66 0.02 -2.42
N GLN A 43 -2.38 0.60 -3.58
CA GLN A 43 -1.08 1.22 -3.82
C GLN A 43 -1.20 2.73 -3.90
N GLU A 44 -0.11 3.41 -3.57
CA GLU A 44 -0.05 4.85 -3.59
C GLU A 44 0.61 5.38 -4.83
N LYS A 45 0.05 6.44 -5.33
CA LYS A 45 0.57 7.12 -6.51
C LYS A 45 0.95 8.55 -6.15
N CYS A 46 2.15 8.94 -6.54
CA CYS A 46 2.65 10.27 -6.26
C CYS A 46 2.91 11.05 -7.53
N ALA A 47 2.97 12.37 -7.41
CA ALA A 47 3.21 13.24 -8.57
C ALA A 47 4.68 13.19 -9.01
N PRO A 48 4.93 13.50 -10.29
CA PRO A 48 6.28 13.50 -10.87
C PRO A 48 7.17 14.57 -10.24
N LEU A 49 8.49 14.36 -10.33
CA LEU A 49 9.46 15.29 -9.78
C LEU A 49 10.23 15.96 -10.91
N ALA A 50 11.49 16.29 -10.65
CA ALA A 50 12.32 16.94 -11.66
C ALA A 50 12.65 16.00 -12.81
N GLU A 51 12.20 14.76 -12.66
CA GLU A 51 12.44 13.74 -13.67
C GLU A 51 13.82 13.12 -13.45
N ASP A 52 14.52 13.68 -12.48
CA ASP A 52 15.84 13.19 -12.13
C ASP A 52 15.99 13.18 -10.61
N CYS A 53 14.89 13.47 -9.91
CA CYS A 53 14.92 13.47 -8.46
C CYS A 53 14.24 12.25 -7.90
N ALA A 54 14.58 11.92 -6.67
CA ALA A 54 14.01 10.77 -5.99
C ALA A 54 14.07 10.95 -4.48
N LEU A 55 14.00 12.21 -4.06
CA LEU A 55 14.07 12.54 -2.64
C LEU A 55 13.81 14.02 -2.38
N VAL A 56 13.25 14.30 -1.20
CA VAL A 56 12.95 15.67 -0.78
C VAL A 56 11.96 15.67 0.36
N VAL A 57 11.08 14.71 0.31
CA VAL A 57 10.04 14.54 1.32
C VAL A 57 9.71 13.07 1.53
N LYS A 58 10.62 12.37 2.17
CA LYS A 58 10.44 10.94 2.46
C LYS A 58 10.33 10.69 3.96
N GLN A 59 9.29 9.97 4.36
CA GLN A 59 9.07 9.63 5.76
C GLN A 59 9.04 8.13 5.96
N THR A 60 9.40 7.68 7.15
CA THR A 60 9.40 6.25 7.46
C THR A 60 8.03 5.66 7.16
N GLY A 61 6.99 6.40 7.51
CA GLY A 61 5.63 5.93 7.28
C GLY A 61 5.07 6.40 5.95
N ALA A 62 5.84 7.22 5.25
CA ALA A 62 5.42 7.74 3.95
C ALA A 62 6.14 7.03 2.82
N CYS A 63 5.40 6.74 1.74
CA CYS A 63 5.97 6.05 0.59
C CYS A 63 6.42 7.05 -0.46
N CYS A 64 5.55 8.00 -0.67
CA CYS A 64 5.76 9.06 -1.65
C CYS A 64 7.08 9.78 -1.43
N GLU A 65 7.56 10.39 -2.51
CA GLU A 65 8.81 11.13 -2.51
C GLU A 65 8.91 11.92 -3.81
N LYS A 66 9.18 13.22 -3.68
CA LYS A 66 9.25 14.11 -4.84
C LYS A 66 10.70 14.48 -5.17
N CYS A 67 10.94 15.75 -5.50
CA CYS A 67 12.29 16.22 -5.83
C CYS A 67 12.80 17.29 -4.86
N LYS A 68 14.14 17.37 -4.73
CA LYS A 68 14.84 18.34 -3.87
C LYS A 68 15.69 17.68 -2.81
N GLY A 69 15.83 16.38 -2.95
CA GLY A 69 16.62 15.61 -2.00
C GLY A 69 18.11 15.77 -2.22
N TRP A 3 -15.90 -12.74 -3.08
CA TRP A 3 -17.33 -12.85 -3.49
C TRP A 3 -17.61 -14.21 -4.14
N LEU A 4 -18.41 -14.21 -5.21
CA LEU A 4 -18.75 -15.44 -5.91
C LEU A 4 -17.53 -16.03 -6.61
N ILE A 5 -16.41 -15.31 -6.56
CA ILE A 5 -15.18 -15.74 -7.19
C ILE A 5 -14.21 -16.30 -6.16
N THR A 6 -13.50 -17.37 -6.52
CA THR A 6 -12.55 -18.01 -5.61
C THR A 6 -11.32 -17.13 -5.40
N GLY A 7 -10.61 -17.38 -4.30
CA GLY A 7 -9.40 -16.61 -4.00
C GLY A 7 -9.35 -16.16 -2.56
N THR A 8 -9.34 -17.12 -1.64
CA THR A 8 -9.29 -16.81 -0.21
C THR A 8 -7.85 -16.88 0.32
N GLU A 9 -6.89 -16.99 -0.60
CA GLU A 9 -5.49 -17.09 -0.22
C GLU A 9 -5.02 -15.83 0.52
N ALA A 10 -5.55 -14.67 0.14
CA ALA A 10 -5.18 -13.42 0.78
C ALA A 10 -5.95 -13.25 2.09
N SER A 11 -6.74 -14.27 2.46
CA SER A 11 -7.50 -14.21 3.69
C SER A 11 -6.57 -13.88 4.85
N CYS A 12 -7.15 -13.40 5.94
CA CYS A 12 -6.37 -13.01 7.09
C CYS A 12 -6.75 -13.78 8.35
N GLU A 13 -6.11 -13.43 9.46
CA GLU A 13 -6.39 -14.04 10.75
C GLU A 13 -7.29 -13.11 11.57
N ASN A 14 -7.28 -11.84 11.21
CA ASN A 14 -8.08 -10.83 11.89
C ASN A 14 -9.21 -10.33 10.98
N GLU A 15 -9.36 -9.00 10.87
CA GLU A 15 -10.41 -8.42 10.03
C GLU A 15 -10.21 -6.91 9.89
N GLY A 16 -10.18 -6.45 8.64
CA GLY A 16 -9.99 -5.05 8.39
C GLY A 16 -8.91 -4.45 9.26
N GLU A 17 -7.80 -5.17 9.38
CA GLU A 17 -6.69 -4.71 10.19
C GLU A 17 -5.61 -4.14 9.33
N VAL A 18 -4.91 -5.05 8.72
CA VAL A 18 -3.80 -4.71 7.85
C VAL A 18 -2.86 -5.88 7.76
N LEU A 19 -2.87 -6.54 6.62
CA LEU A 19 -2.06 -7.72 6.43
C LEU A 19 -0.83 -7.39 5.59
N HIS A 20 0.33 -7.62 6.18
CA HIS A 20 1.59 -7.35 5.50
C HIS A 20 1.93 -8.50 4.56
N ILE A 21 1.90 -8.22 3.26
CA ILE A 21 2.20 -9.23 2.26
C ILE A 21 3.42 -8.83 1.43
N PRO A 22 4.33 -9.77 1.20
CA PRO A 22 5.57 -9.54 0.44
C PRO A 22 5.32 -8.89 -0.93
N ASN A 23 5.04 -9.72 -1.93
CA ASN A 23 4.79 -9.23 -3.29
C ASN A 23 3.92 -7.98 -3.30
N ILE A 24 3.12 -7.80 -2.26
CA ILE A 24 2.23 -6.67 -2.17
C ILE A 24 2.82 -5.50 -1.38
N THR A 25 2.87 -5.64 -0.06
CA THR A 25 3.39 -4.59 0.80
C THR A 25 4.91 -4.42 0.69
N ASP A 26 5.57 -5.26 -0.10
CA ASP A 26 7.01 -5.12 -0.27
C ASP A 26 7.32 -3.66 -0.53
N ASN A 27 6.37 -2.99 -1.16
CA ASN A 27 6.49 -1.57 -1.46
C ASN A 27 5.75 -0.75 -0.41
N PRO A 28 6.43 0.25 0.18
CA PRO A 28 5.84 1.11 1.21
C PRO A 28 4.52 1.69 0.77
N CYS A 29 4.43 2.00 -0.52
CA CYS A 29 3.21 2.56 -1.09
C CYS A 29 2.07 1.55 -1.08
N ILE A 30 2.40 0.28 -0.88
CA ILE A 30 1.38 -0.75 -0.86
C ILE A 30 1.15 -1.29 0.54
N SER A 31 -0.12 -1.40 0.90
CA SER A 31 -0.54 -1.92 2.19
C SER A 31 -1.74 -2.81 1.96
N CYS A 32 -2.05 -3.72 2.89
CA CYS A 32 -3.19 -4.58 2.70
C CYS A 32 -3.94 -4.70 3.99
N VAL A 33 -5.24 -4.73 3.90
CA VAL A 33 -6.06 -4.88 5.08
C VAL A 33 -7.12 -5.89 4.87
N CYS A 34 -7.30 -6.66 5.89
CA CYS A 34 -8.23 -7.74 5.87
C CYS A 34 -9.64 -7.30 5.48
N LEU A 35 -9.93 -7.34 4.19
CA LEU A 35 -11.25 -6.99 3.67
C LEU A 35 -12.09 -8.26 3.50
N ASN A 36 -13.24 -8.31 4.18
CA ASN A 36 -14.12 -9.47 4.07
C ASN A 36 -13.30 -10.75 4.19
N GLN A 37 -12.36 -10.74 5.13
CA GLN A 37 -11.48 -11.88 5.33
C GLN A 37 -10.64 -12.12 4.10
N LYS A 38 -10.32 -11.03 3.44
CA LYS A 38 -9.52 -11.06 2.22
C LYS A 38 -8.58 -9.88 2.23
N ALA A 39 -7.32 -10.14 1.96
CA ALA A 39 -6.32 -9.08 1.95
C ALA A 39 -6.71 -7.94 1.03
N GLU A 40 -7.02 -6.80 1.65
CA GLU A 40 -7.38 -5.61 0.90
C GLU A 40 -6.14 -4.74 0.72
N CYS A 41 -5.46 -4.89 -0.39
CA CYS A 41 -4.24 -4.10 -0.63
C CYS A 41 -4.41 -3.06 -1.72
N LYS A 42 -3.84 -1.89 -1.46
CA LYS A 42 -3.88 -0.77 -2.38
C LYS A 42 -2.49 -0.13 -2.47
N GLN A 43 -2.14 0.37 -3.65
CA GLN A 43 -0.82 0.98 -3.84
C GLN A 43 -0.93 2.50 -3.94
N GLU A 44 0.08 3.18 -3.40
CA GLU A 44 0.13 4.63 -3.40
C GLU A 44 1.05 5.14 -4.49
N LYS A 45 0.59 6.19 -5.12
CA LYS A 45 1.33 6.84 -6.18
C LYS A 45 1.38 8.35 -5.94
N CYS A 46 2.58 8.89 -6.12
CA CYS A 46 2.81 10.32 -5.94
C CYS A 46 2.04 11.18 -6.94
N ALA A 47 1.40 10.50 -7.87
CA ALA A 47 0.60 11.15 -8.91
C ALA A 47 -0.31 12.22 -8.32
N PRO A 48 -1.22 12.81 -9.12
CA PRO A 48 -2.13 13.85 -8.65
C PRO A 48 -2.52 13.65 -7.20
N LEU A 49 -2.91 14.75 -6.56
CA LEU A 49 -3.29 14.74 -5.18
C LEU A 49 -4.78 14.57 -5.05
N ALA A 50 -5.23 14.72 -3.83
CA ALA A 50 -6.61 14.63 -3.51
C ALA A 50 -7.05 13.21 -3.24
N GLU A 51 -8.34 12.94 -3.39
CA GLU A 51 -8.86 11.62 -3.06
C GLU A 51 -8.49 11.31 -1.62
N ASP A 52 -8.10 12.37 -0.94
CA ASP A 52 -7.67 12.35 0.46
C ASP A 52 -6.45 13.27 0.62
N CYS A 53 -6.41 14.36 -0.17
CA CYS A 53 -5.29 15.29 -0.10
C CYS A 53 -5.11 15.76 1.35
N ALA A 54 -3.87 15.71 1.84
CA ALA A 54 -3.58 16.15 3.19
C ALA A 54 -2.08 16.41 3.41
N LEU A 55 -1.32 16.52 2.32
CA LEU A 55 0.12 16.78 2.39
C LEU A 55 0.78 16.13 1.19
N VAL A 56 0.65 16.79 0.04
CA VAL A 56 1.17 16.30 -1.22
C VAL A 56 2.51 15.63 -1.06
N VAL A 57 2.46 14.42 -0.55
CA VAL A 57 3.62 13.58 -0.35
C VAL A 57 4.15 13.69 1.08
N LYS A 58 4.04 12.58 1.79
CA LYS A 58 4.47 12.48 3.18
C LYS A 58 5.65 11.53 3.32
N GLN A 59 6.42 11.71 4.38
CA GLN A 59 7.58 10.87 4.64
C GLN A 59 8.41 10.69 3.38
N THR A 60 9.53 11.41 3.30
CA THR A 60 10.42 11.32 2.14
C THR A 60 11.02 9.91 2.04
N GLY A 61 10.91 9.14 3.12
CA GLY A 61 11.44 7.80 3.12
C GLY A 61 10.38 6.71 3.11
N ALA A 62 9.16 7.07 3.48
CA ALA A 62 8.06 6.11 3.52
C ALA A 62 7.58 5.76 2.11
N CYS A 63 6.72 6.61 1.54
CA CYS A 63 6.20 6.38 0.20
C CYS A 63 5.86 7.69 -0.45
N CYS A 64 4.74 8.21 -0.01
CA CYS A 64 4.21 9.47 -0.52
C CYS A 64 2.91 9.83 0.18
N GLU A 65 2.16 10.73 -0.43
CA GLU A 65 0.90 11.17 0.12
C GLU A 65 0.15 12.03 -0.90
N LYS A 66 -0.53 13.07 -0.44
CA LYS A 66 -1.28 13.94 -1.36
C LYS A 66 -1.63 15.30 -0.76
N CYS A 67 -1.59 16.29 -1.66
CA CYS A 67 -1.89 17.71 -1.38
C CYS A 67 -2.10 18.03 0.07
N LYS A 68 -1.31 18.99 0.49
CA LYS A 68 -1.29 19.48 1.86
C LYS A 68 -2.43 20.44 2.12
N GLY A 69 -3.57 19.98 1.72
CA GLY A 69 -4.80 20.72 1.88
C GLY A 69 -4.59 22.23 1.83
N TRP A 3 -1.05 -18.54 -13.35
CA TRP A 3 -0.32 -19.52 -12.52
C TRP A 3 -1.24 -20.66 -12.09
N LEU A 4 -0.76 -21.89 -12.26
CA LEU A 4 -1.55 -23.08 -11.92
C LEU A 4 -1.58 -23.36 -10.42
N ILE A 5 -1.04 -22.46 -9.62
CA ILE A 5 -1.04 -22.64 -8.17
C ILE A 5 -2.11 -21.77 -7.52
N THR A 6 -2.95 -22.39 -6.69
CA THR A 6 -4.03 -21.69 -6.02
C THR A 6 -3.56 -21.08 -4.71
N GLY A 7 -4.39 -20.21 -4.13
CA GLY A 7 -4.04 -19.56 -2.88
C GLY A 7 -3.46 -18.17 -3.07
N THR A 8 -3.45 -17.70 -4.31
CA THR A 8 -2.90 -16.37 -4.60
C THR A 8 -3.60 -15.31 -3.77
N GLU A 9 -4.91 -15.45 -3.60
CA GLU A 9 -5.67 -14.49 -2.81
C GLU A 9 -5.11 -14.44 -1.39
N ALA A 10 -5.01 -13.25 -0.84
CA ALA A 10 -4.47 -13.08 0.51
C ALA A 10 -5.58 -13.00 1.54
N SER A 11 -5.57 -13.93 2.49
CA SER A 11 -6.56 -13.96 3.55
C SER A 11 -5.92 -13.58 4.88
N CYS A 12 -6.72 -13.02 5.78
CA CYS A 12 -6.23 -12.61 7.08
C CYS A 12 -6.71 -13.57 8.16
N GLU A 13 -6.52 -13.15 9.41
CA GLU A 13 -6.96 -13.93 10.56
C GLU A 13 -8.07 -13.18 11.29
N ASN A 14 -8.06 -11.85 11.16
CA ASN A 14 -9.05 -11.01 11.82
C ASN A 14 -9.97 -10.28 10.82
N GLU A 15 -10.05 -8.95 10.92
CA GLU A 15 -10.89 -8.14 10.04
C GLU A 15 -10.39 -6.70 10.01
N GLY A 16 -10.00 -6.25 8.83
CA GLY A 16 -9.49 -4.89 8.70
C GLY A 16 -8.36 -4.63 9.67
N GLU A 17 -7.42 -5.57 9.74
CA GLU A 17 -6.29 -5.46 10.65
C GLU A 17 -4.99 -5.33 9.90
N VAL A 18 -5.11 -4.91 8.66
CA VAL A 18 -3.94 -4.69 7.83
C VAL A 18 -2.97 -5.86 7.87
N LEU A 19 -2.88 -6.56 6.74
CA LEU A 19 -2.01 -7.71 6.63
C LEU A 19 -0.83 -7.41 5.72
N HIS A 20 0.36 -7.44 6.30
CA HIS A 20 1.59 -7.17 5.57
C HIS A 20 1.84 -8.27 4.54
N ILE A 21 1.95 -7.87 3.27
CA ILE A 21 2.17 -8.82 2.19
C ILE A 21 3.45 -8.50 1.41
N PRO A 22 4.34 -9.47 1.26
CA PRO A 22 5.60 -9.27 0.53
C PRO A 22 5.36 -8.84 -0.93
N ASN A 23 5.23 -9.81 -1.82
CA ASN A 23 5.00 -9.54 -3.23
C ASN A 23 4.06 -8.34 -3.45
N ILE A 24 3.19 -8.08 -2.49
CA ILE A 24 2.25 -6.98 -2.59
C ILE A 24 2.73 -5.75 -1.81
N THR A 25 2.56 -5.79 -0.49
CA THR A 25 2.97 -4.66 0.35
C THR A 25 4.49 -4.51 0.40
N ASP A 26 5.23 -5.39 -0.29
CA ASP A 26 6.68 -5.28 -0.30
C ASP A 26 7.06 -3.83 -0.45
N ASN A 27 6.19 -3.09 -1.15
CA ASN A 27 6.38 -1.68 -1.37
C ASN A 27 5.64 -0.87 -0.31
N PRO A 28 6.35 0.04 0.37
CA PRO A 28 5.75 0.89 1.41
C PRO A 28 4.46 1.52 0.91
N CYS A 29 4.42 1.74 -0.39
CA CYS A 29 3.26 2.32 -1.04
C CYS A 29 2.07 1.37 -1.03
N ILE A 30 2.35 0.08 -0.84
CA ILE A 30 1.29 -0.92 -0.84
C ILE A 30 1.08 -1.56 0.53
N SER A 31 -0.19 -1.67 0.91
CA SER A 31 -0.60 -2.28 2.17
C SER A 31 -1.85 -3.11 1.91
N CYS A 32 -2.20 -4.04 2.79
CA CYS A 32 -3.38 -4.85 2.60
C CYS A 32 -4.18 -4.87 3.88
N VAL A 33 -5.46 -4.65 3.81
CA VAL A 33 -6.25 -4.72 5.01
C VAL A 33 -7.29 -5.77 4.89
N CYS A 34 -7.33 -6.54 5.93
CA CYS A 34 -8.20 -7.66 6.01
C CYS A 34 -9.65 -7.31 5.66
N LEU A 35 -9.97 -7.28 4.37
CA LEU A 35 -11.32 -7.01 3.92
C LEU A 35 -12.04 -8.31 3.58
N ASN A 36 -13.11 -8.61 4.31
CA ASN A 36 -13.86 -9.83 4.07
C ASN A 36 -12.92 -11.02 4.06
N GLN A 37 -12.01 -11.05 5.02
CA GLN A 37 -11.02 -12.12 5.13
C GLN A 37 -10.09 -12.11 3.92
N LYS A 38 -9.90 -10.93 3.35
CA LYS A 38 -9.04 -10.77 2.20
C LYS A 38 -8.12 -9.58 2.40
N ALA A 39 -6.87 -9.72 2.01
CA ALA A 39 -5.93 -8.63 2.17
C ALA A 39 -6.28 -7.47 1.27
N GLU A 40 -7.15 -6.61 1.74
CA GLU A 40 -7.55 -5.46 0.96
C GLU A 40 -6.36 -4.55 0.72
N CYS A 41 -5.69 -4.71 -0.41
CA CYS A 41 -4.51 -3.91 -0.69
C CYS A 41 -4.78 -2.71 -1.58
N LYS A 42 -3.85 -1.76 -1.47
CA LYS A 42 -3.91 -0.52 -2.23
C LYS A 42 -2.49 0.01 -2.42
N GLN A 43 -2.19 0.57 -3.59
CA GLN A 43 -0.85 1.10 -3.84
C GLN A 43 -0.88 2.62 -3.99
N GLU A 44 0.26 3.25 -3.75
CA GLU A 44 0.39 4.69 -3.86
C GLU A 44 1.07 5.08 -5.16
N LYS A 45 0.53 6.13 -5.74
CA LYS A 45 1.05 6.69 -6.98
C LYS A 45 1.27 8.18 -6.83
N CYS A 46 2.44 8.61 -7.26
CA CYS A 46 2.81 10.02 -7.18
C CYS A 46 2.51 10.73 -8.49
N ALA A 47 2.20 12.02 -8.39
CA ALA A 47 1.88 12.83 -9.57
C ALA A 47 3.10 13.56 -10.12
N PRO A 48 3.15 13.76 -11.45
CA PRO A 48 4.25 14.45 -12.12
C PRO A 48 4.37 15.90 -11.65
N LEU A 49 5.57 16.47 -11.78
CA LEU A 49 5.80 17.84 -11.37
C LEU A 49 6.51 18.65 -12.44
N ALA A 50 7.77 18.34 -12.60
CA ALA A 50 8.64 19.02 -13.56
C ALA A 50 8.43 18.53 -14.99
N GLU A 51 7.67 17.45 -15.13
CA GLU A 51 7.40 16.84 -16.43
C GLU A 51 8.53 15.90 -16.83
N ASP A 52 9.67 16.11 -16.21
CA ASP A 52 10.87 15.31 -16.42
C ASP A 52 11.46 14.97 -15.05
N CYS A 53 10.66 15.23 -14.01
CA CYS A 53 11.04 14.99 -12.63
C CYS A 53 11.53 13.55 -12.43
N ALA A 54 11.36 13.06 -11.19
CA ALA A 54 11.75 11.69 -10.82
C ALA A 54 12.19 11.59 -9.37
N LEU A 55 12.28 12.72 -8.70
CA LEU A 55 12.69 12.76 -7.30
C LEU A 55 13.12 14.15 -6.87
N VAL A 56 13.43 14.28 -5.58
CA VAL A 56 13.88 15.54 -5.00
C VAL A 56 13.54 15.60 -3.54
N VAL A 57 12.50 14.87 -3.20
CA VAL A 57 12.01 14.78 -1.83
C VAL A 57 11.52 13.38 -1.51
N LYS A 58 11.99 12.84 -0.40
CA LYS A 58 11.60 11.51 0.04
C LYS A 58 11.82 11.32 1.52
N GLN A 59 10.79 10.82 2.21
CA GLN A 59 10.87 10.60 3.64
C GLN A 59 11.00 9.11 3.96
N THR A 60 11.72 8.79 5.02
CA THR A 60 11.90 7.40 5.42
C THR A 60 10.57 6.82 5.86
N GLY A 61 9.66 7.69 6.28
CA GLY A 61 8.35 7.26 6.71
C GLY A 61 7.32 7.42 5.61
N ALA A 62 7.71 8.12 4.55
CA ALA A 62 6.84 8.33 3.41
C ALA A 62 7.26 7.47 2.22
N CYS A 63 6.27 6.87 1.55
CA CYS A 63 6.54 6.01 0.40
C CYS A 63 6.78 6.83 -0.85
N CYS A 64 5.87 7.74 -1.07
CA CYS A 64 5.89 8.61 -2.23
C CYS A 64 7.07 9.56 -2.22
N GLU A 65 7.46 9.97 -3.42
CA GLU A 65 8.55 10.86 -3.63
C GLU A 65 8.08 12.01 -4.50
N LYS A 66 8.32 13.23 -4.06
CA LYS A 66 7.92 14.42 -4.80
C LYS A 66 8.37 14.33 -6.25
N CYS A 67 9.27 15.21 -6.65
CA CYS A 67 9.77 15.18 -8.01
C CYS A 67 10.51 16.45 -8.39
N LYS A 68 11.50 16.26 -9.25
CA LYS A 68 12.34 17.35 -9.74
C LYS A 68 13.72 16.88 -10.19
N GLY A 69 13.85 15.60 -10.46
CA GLY A 69 15.12 15.05 -10.90
C GLY A 69 16.25 15.38 -9.95
N TRP A 3 -9.14 -13.44 -12.30
CA TRP A 3 -7.84 -14.09 -12.65
C TRP A 3 -7.90 -15.60 -12.40
N LEU A 4 -7.28 -16.38 -13.28
CA LEU A 4 -7.29 -17.84 -13.17
C LEU A 4 -6.33 -18.33 -12.08
N ILE A 5 -5.68 -17.40 -11.39
CA ILE A 5 -4.75 -17.76 -10.34
C ILE A 5 -5.32 -17.46 -8.96
N THR A 6 -5.16 -18.40 -8.02
CA THR A 6 -5.65 -18.20 -6.67
C THR A 6 -4.53 -17.73 -5.75
N GLY A 7 -4.91 -17.26 -4.56
CA GLY A 7 -3.94 -16.79 -3.60
C GLY A 7 -3.83 -15.27 -3.53
N THR A 8 -4.44 -14.58 -4.49
CA THR A 8 -4.39 -13.12 -4.52
C THR A 8 -5.31 -12.50 -3.46
N GLU A 9 -6.28 -13.28 -2.99
CA GLU A 9 -7.21 -12.80 -1.97
C GLU A 9 -6.48 -12.54 -0.65
N ALA A 10 -5.37 -13.24 -0.43
CA ALA A 10 -4.59 -13.08 0.79
C ALA A 10 -5.50 -12.94 2.00
N SER A 11 -5.83 -14.05 2.62
CA SER A 11 -6.68 -14.02 3.80
C SER A 11 -5.89 -13.53 5.00
N CYS A 12 -6.60 -13.05 6.02
CA CYS A 12 -5.96 -12.53 7.22
C CYS A 12 -6.28 -13.39 8.43
N GLU A 13 -5.98 -12.83 9.59
CA GLU A 13 -6.26 -13.49 10.86
C GLU A 13 -7.35 -12.72 11.60
N ASN A 14 -7.44 -11.42 11.32
CA ASN A 14 -8.43 -10.55 11.95
C ASN A 14 -9.49 -10.07 10.95
N GLU A 15 -9.75 -8.76 10.92
CA GLU A 15 -10.73 -8.17 10.03
C GLU A 15 -10.50 -6.67 9.90
N GLY A 16 -10.21 -6.24 8.68
CA GLY A 16 -9.98 -4.84 8.41
C GLY A 16 -8.81 -4.24 9.20
N GLU A 17 -7.74 -5.00 9.36
CA GLU A 17 -6.57 -4.51 10.09
C GLU A 17 -5.48 -4.05 9.17
N VAL A 18 -4.81 -5.01 8.61
CA VAL A 18 -3.71 -4.76 7.70
C VAL A 18 -2.76 -5.95 7.65
N LEU A 19 -2.81 -6.68 6.54
CA LEU A 19 -1.98 -7.86 6.38
C LEU A 19 -0.90 -7.64 5.33
N HIS A 20 0.33 -7.84 5.75
CA HIS A 20 1.49 -7.68 4.86
C HIS A 20 1.73 -8.94 4.02
N ILE A 21 1.90 -8.75 2.71
CA ILE A 21 2.14 -9.86 1.80
C ILE A 21 3.40 -9.63 0.98
N PRO A 22 4.15 -10.69 0.65
CA PRO A 22 5.38 -10.57 -0.14
C PRO A 22 5.06 -10.12 -1.56
N ASN A 23 5.84 -9.16 -2.04
CA ASN A 23 5.66 -8.60 -3.38
C ASN A 23 4.53 -7.57 -3.42
N ILE A 24 3.54 -7.73 -2.55
CA ILE A 24 2.42 -6.81 -2.50
C ILE A 24 2.71 -5.65 -1.55
N THR A 25 2.68 -5.93 -0.26
CA THR A 25 2.96 -4.91 0.74
C THR A 25 4.47 -4.66 0.85
N ASP A 26 5.24 -5.38 0.05
CA ASP A 26 6.69 -5.23 0.05
C ASP A 26 7.03 -3.75 -0.01
N ASN A 27 6.14 -2.98 -0.63
CA ASN A 27 6.32 -1.54 -0.77
C ASN A 27 5.45 -0.77 0.22
N PRO A 28 6.04 0.15 1.00
CA PRO A 28 5.29 0.95 1.96
C PRO A 28 4.05 1.54 1.33
N CYS A 29 4.16 1.81 0.04
CA CYS A 29 3.07 2.36 -0.74
C CYS A 29 1.93 1.38 -0.86
N ILE A 30 2.26 0.10 -0.69
CA ILE A 30 1.25 -0.95 -0.78
C ILE A 30 1.02 -1.64 0.55
N SER A 31 -0.24 -1.70 0.95
CA SER A 31 -0.65 -2.36 2.20
C SER A 31 -1.96 -3.08 1.95
N CYS A 32 -2.27 -4.13 2.72
CA CYS A 32 -3.50 -4.86 2.54
C CYS A 32 -4.25 -4.87 3.85
N VAL A 33 -5.54 -4.58 3.83
CA VAL A 33 -6.28 -4.65 5.05
C VAL A 33 -7.29 -5.71 4.94
N CYS A 34 -7.37 -6.46 5.98
CA CYS A 34 -8.22 -7.59 6.02
C CYS A 34 -9.68 -7.30 5.62
N LEU A 35 -9.95 -7.28 4.31
CA LEU A 35 -11.30 -7.05 3.82
C LEU A 35 -11.99 -8.38 3.53
N ASN A 36 -13.15 -8.58 4.13
CA ASN A 36 -13.90 -9.81 3.89
C ASN A 36 -12.95 -11.01 3.97
N GLN A 37 -12.06 -11.01 4.96
CA GLN A 37 -11.10 -12.08 5.12
C GLN A 37 -10.18 -12.17 3.93
N LYS A 38 -9.88 -11.00 3.40
CA LYS A 38 -9.00 -10.88 2.26
C LYS A 38 -8.10 -9.68 2.45
N ALA A 39 -6.87 -9.75 1.98
CA ALA A 39 -5.96 -8.64 2.15
C ALA A 39 -6.32 -7.51 1.23
N GLU A 40 -7.13 -6.58 1.72
CA GLU A 40 -7.53 -5.46 0.91
C GLU A 40 -6.36 -4.52 0.70
N CYS A 41 -5.66 -4.68 -0.40
CA CYS A 41 -4.50 -3.86 -0.67
C CYS A 41 -4.76 -2.66 -1.55
N LYS A 42 -3.97 -1.64 -1.27
CA LYS A 42 -4.02 -0.38 -1.99
C LYS A 42 -2.60 0.12 -2.22
N GLN A 43 -2.33 0.60 -3.41
CA GLN A 43 -1.00 1.09 -3.76
C GLN A 43 -1.02 2.60 -4.00
N GLU A 44 0.11 3.24 -3.74
CA GLU A 44 0.26 4.66 -3.92
C GLU A 44 0.97 4.98 -5.21
N LYS A 45 0.48 6.00 -5.86
CA LYS A 45 1.04 6.49 -7.10
C LYS A 45 1.53 7.92 -6.98
N CYS A 46 2.75 8.14 -7.43
CA CYS A 46 3.37 9.44 -7.37
C CYS A 46 3.09 10.26 -8.63
N ALA A 47 2.79 11.55 -8.43
CA ALA A 47 2.51 12.47 -9.52
C ALA A 47 3.28 13.78 -9.32
N PRO A 48 4.60 13.76 -9.57
CA PRO A 48 5.45 14.94 -9.40
C PRO A 48 5.06 16.10 -10.32
N LEU A 49 4.61 17.18 -9.70
CA LEU A 49 4.21 18.38 -10.43
C LEU A 49 4.61 19.63 -9.65
N ALA A 50 3.77 20.66 -9.74
CA ALA A 50 3.96 21.94 -9.07
C ALA A 50 3.70 23.06 -10.04
N GLU A 51 4.37 24.20 -9.86
CA GLU A 51 4.10 25.33 -10.73
C GLU A 51 2.60 25.58 -10.76
N ASP A 52 1.93 25.01 -9.76
CA ASP A 52 0.50 25.10 -9.61
C ASP A 52 0.10 24.19 -8.45
N CYS A 53 0.84 23.08 -8.28
CA CYS A 53 0.57 22.18 -7.18
C CYS A 53 1.29 22.64 -5.92
N ALA A 54 0.52 22.90 -4.86
CA ALA A 54 1.10 23.34 -3.60
C ALA A 54 1.23 22.18 -2.61
N LEU A 55 1.26 20.97 -3.12
CA LEU A 55 1.37 19.79 -2.27
C LEU A 55 2.25 18.74 -2.91
N VAL A 56 3.51 19.11 -3.10
CA VAL A 56 4.47 18.23 -3.73
C VAL A 56 5.43 17.63 -2.72
N VAL A 57 5.43 16.30 -2.66
CA VAL A 57 6.30 15.55 -1.76
C VAL A 57 5.98 15.84 -0.30
N LYS A 58 5.55 14.80 0.41
CA LYS A 58 5.19 14.90 1.82
C LYS A 58 5.76 13.72 2.61
N GLN A 59 6.03 13.95 3.88
CA GLN A 59 6.57 12.91 4.74
C GLN A 59 7.80 12.26 4.12
N THR A 60 8.97 12.62 4.64
CA THR A 60 10.23 12.09 4.14
C THR A 60 10.28 10.58 4.34
N GLY A 61 9.91 10.12 5.54
CA GLY A 61 9.94 8.71 5.83
C GLY A 61 8.69 8.00 5.36
N ALA A 62 7.85 8.73 4.63
CA ALA A 62 6.61 8.16 4.10
C ALA A 62 6.89 7.42 2.80
N CYS A 63 5.82 7.02 2.13
CA CYS A 63 5.96 6.30 0.87
C CYS A 63 6.09 7.28 -0.28
N CYS A 64 5.17 8.21 -0.31
CA CYS A 64 5.13 9.21 -1.36
C CYS A 64 3.88 10.06 -1.27
N GLU A 65 3.97 11.25 -1.83
CA GLU A 65 2.87 12.19 -1.84
C GLU A 65 2.77 12.86 -3.18
N LYS A 66 3.84 13.55 -3.50
CA LYS A 66 3.95 14.27 -4.75
C LYS A 66 2.85 15.33 -4.80
N CYS A 67 2.91 16.22 -5.79
CA CYS A 67 1.92 17.28 -5.89
C CYS A 67 0.55 16.78 -5.47
N LYS A 68 -0.29 17.70 -5.04
CA LYS A 68 -1.65 17.37 -4.60
C LYS A 68 -2.58 18.56 -4.72
N GLY A 69 -2.15 19.56 -5.46
CA GLY A 69 -2.94 20.76 -5.65
C GLY A 69 -3.75 20.72 -6.94
N TRP A 3 -5.77 -12.20 -12.02
CA TRP A 3 -5.22 -13.55 -11.75
C TRP A 3 -6.36 -14.53 -11.41
N LEU A 4 -6.28 -15.73 -11.99
CA LEU A 4 -7.31 -16.74 -11.78
C LEU A 4 -7.10 -17.52 -10.48
N ILE A 5 -6.17 -17.08 -9.65
CA ILE A 5 -5.89 -17.77 -8.39
C ILE A 5 -6.46 -16.98 -7.20
N THR A 6 -7.19 -17.67 -6.34
CA THR A 6 -7.79 -17.04 -5.17
C THR A 6 -6.94 -17.29 -3.92
N GLY A 7 -6.78 -16.24 -3.10
CA GLY A 7 -6.00 -16.37 -1.89
C GLY A 7 -4.59 -15.81 -2.04
N THR A 8 -4.20 -15.51 -3.27
CA THR A 8 -2.88 -14.96 -3.53
C THR A 8 -2.71 -13.64 -2.79
N GLU A 9 -3.81 -12.90 -2.66
CA GLU A 9 -3.80 -11.62 -1.97
C GLU A 9 -3.42 -11.80 -0.50
N ALA A 10 -3.79 -12.96 0.06
CA ALA A 10 -3.49 -13.29 1.46
C ALA A 10 -4.72 -13.09 2.36
N SER A 11 -5.10 -14.14 3.07
CA SER A 11 -6.26 -14.08 3.97
C SER A 11 -5.83 -13.64 5.37
N CYS A 12 -6.82 -13.29 6.19
CA CYS A 12 -6.56 -12.85 7.56
C CYS A 12 -7.71 -13.26 8.47
N GLU A 13 -7.53 -13.10 9.78
CA GLU A 13 -8.56 -13.51 10.71
C GLU A 13 -9.48 -12.38 11.16
N ASN A 14 -8.95 -11.15 11.22
CA ASN A 14 -9.76 -10.03 11.66
C ASN A 14 -10.22 -9.16 10.48
N GLU A 15 -11.31 -8.43 10.69
CA GLU A 15 -11.85 -7.56 9.66
C GLU A 15 -11.14 -6.21 9.69
N GLY A 16 -10.16 -6.09 8.82
CA GLY A 16 -9.38 -4.87 8.73
C GLY A 16 -8.31 -4.79 9.80
N GLU A 17 -7.43 -5.79 9.83
CA GLU A 17 -6.37 -5.85 10.82
C GLU A 17 -5.02 -5.52 10.21
N VAL A 18 -4.96 -5.70 8.92
CA VAL A 18 -3.76 -5.47 8.14
C VAL A 18 -3.08 -6.81 7.84
N LEU A 19 -2.58 -6.98 6.62
CA LEU A 19 -1.95 -8.23 6.20
C LEU A 19 -0.96 -7.97 5.06
N HIS A 20 0.26 -7.65 5.42
CA HIS A 20 1.30 -7.39 4.43
C HIS A 20 1.66 -8.66 3.68
N ILE A 21 1.87 -8.52 2.37
CA ILE A 21 2.22 -9.64 1.53
C ILE A 21 3.53 -9.37 0.79
N PRO A 22 4.45 -10.33 0.77
CA PRO A 22 5.73 -10.17 0.07
C PRO A 22 5.51 -9.91 -1.41
N ASN A 23 6.32 -9.05 -1.98
CA ASN A 23 6.19 -8.70 -3.38
C ASN A 23 5.08 -7.66 -3.61
N ILE A 24 3.98 -7.79 -2.86
CA ILE A 24 2.87 -6.87 -2.97
C ILE A 24 3.06 -5.66 -2.06
N THR A 25 2.86 -5.87 -0.76
CA THR A 25 3.03 -4.81 0.22
C THR A 25 4.50 -4.53 0.48
N ASP A 26 5.37 -5.23 -0.23
CA ASP A 26 6.80 -5.03 -0.08
C ASP A 26 7.12 -3.55 -0.24
N ASN A 27 6.23 -2.85 -0.92
CA ASN A 27 6.39 -1.42 -1.14
C ASN A 27 5.54 -0.61 -0.16
N PRO A 28 6.15 0.43 0.43
CA PRO A 28 5.48 1.30 1.40
C PRO A 28 4.17 1.84 0.85
N CYS A 29 4.13 2.00 -0.46
CA CYS A 29 2.94 2.50 -1.14
C CYS A 29 1.81 1.46 -1.10
N ILE A 30 2.20 0.19 -0.96
CA ILE A 30 1.22 -0.89 -0.92
C ILE A 30 1.10 -1.51 0.46
N SER A 31 -0.14 -1.65 0.91
CA SER A 31 -0.45 -2.27 2.19
C SER A 31 -1.82 -2.92 2.08
N CYS A 32 -2.02 -4.06 2.75
CA CYS A 32 -3.29 -4.74 2.68
C CYS A 32 -3.95 -4.72 4.04
N VAL A 33 -5.25 -4.79 4.04
CA VAL A 33 -5.92 -4.89 5.29
C VAL A 33 -6.96 -5.94 5.21
N CYS A 34 -6.95 -6.71 6.25
CA CYS A 34 -7.80 -7.86 6.33
C CYS A 34 -9.26 -7.54 5.95
N LEU A 35 -9.55 -7.38 4.66
CA LEU A 35 -10.91 -7.10 4.22
C LEU A 35 -11.63 -8.38 3.85
N ASN A 36 -12.75 -8.64 4.50
CA ASN A 36 -13.52 -9.83 4.19
C ASN A 36 -12.59 -11.04 4.19
N GLN A 37 -11.66 -11.06 5.13
CA GLN A 37 -10.69 -12.15 5.24
C GLN A 37 -9.77 -12.16 4.03
N LYS A 38 -9.51 -10.98 3.51
CA LYS A 38 -8.65 -10.84 2.36
C LYS A 38 -7.76 -9.62 2.54
N ALA A 39 -6.64 -9.60 1.85
CA ALA A 39 -5.72 -8.49 1.95
C ALA A 39 -6.24 -7.29 1.19
N GLU A 40 -6.92 -6.40 1.89
CA GLU A 40 -7.45 -5.22 1.26
C GLU A 40 -6.32 -4.28 0.86
N CYS A 41 -5.51 -4.74 -0.06
CA CYS A 41 -4.35 -3.95 -0.51
C CYS A 41 -4.73 -2.76 -1.35
N LYS A 42 -3.95 -1.71 -1.15
CA LYS A 42 -4.10 -0.46 -1.84
C LYS A 42 -2.72 0.07 -2.20
N GLN A 43 -2.57 0.60 -3.40
CA GLN A 43 -1.29 1.10 -3.83
C GLN A 43 -1.32 2.60 -4.08
N GLU A 44 -0.19 3.25 -3.80
CA GLU A 44 -0.04 4.66 -3.97
C GLU A 44 0.72 4.96 -5.24
N LYS A 45 0.28 5.99 -5.92
CA LYS A 45 0.90 6.42 -7.15
C LYS A 45 1.23 7.91 -7.09
N CYS A 46 2.47 8.20 -7.44
CA CYS A 46 2.96 9.57 -7.43
C CYS A 46 3.58 9.95 -8.77
N ALA A 47 3.54 11.24 -9.09
CA ALA A 47 4.10 11.76 -10.32
C ALA A 47 4.94 12.99 -10.04
N PRO A 48 6.03 12.81 -9.28
CA PRO A 48 6.93 13.90 -8.90
C PRO A 48 7.90 14.30 -10.00
N LEU A 49 8.31 15.56 -9.97
CA LEU A 49 9.25 16.10 -10.94
C LEU A 49 10.63 15.54 -10.75
N ALA A 50 11.55 16.05 -11.56
CA ALA A 50 12.95 15.68 -11.46
C ALA A 50 13.78 16.20 -12.61
N GLU A 51 15.04 15.74 -12.62
CA GLU A 51 16.05 16.18 -13.57
C GLU A 51 17.10 16.94 -12.75
N ASP A 52 16.70 17.25 -11.53
CA ASP A 52 17.49 17.95 -10.53
C ASP A 52 16.72 17.93 -9.21
N CYS A 53 15.91 16.87 -9.02
CA CYS A 53 15.06 16.71 -7.86
C CYS A 53 15.68 15.79 -6.81
N ALA A 54 14.82 15.24 -5.96
CA ALA A 54 15.22 14.32 -4.88
C ALA A 54 14.37 14.54 -3.63
N LEU A 55 13.56 15.57 -3.66
CA LEU A 55 12.68 15.93 -2.56
C LEU A 55 12.25 17.38 -2.69
N VAL A 56 11.41 17.84 -1.75
CA VAL A 56 10.94 19.22 -1.74
C VAL A 56 9.63 19.37 -0.98
N VAL A 57 8.96 18.26 -0.79
CA VAL A 57 7.69 18.23 -0.07
C VAL A 57 7.42 16.85 0.49
N LYS A 58 8.48 16.12 0.82
CA LYS A 58 8.35 14.78 1.36
C LYS A 58 7.64 14.80 2.71
N GLN A 59 6.69 13.89 2.88
CA GLN A 59 5.95 13.79 4.12
C GLN A 59 6.46 12.59 4.92
N THR A 60 6.80 12.83 6.18
CA THR A 60 7.32 11.79 7.04
C THR A 60 6.30 10.66 7.21
N GLY A 61 6.73 9.44 6.94
CA GLY A 61 5.86 8.30 7.06
C GLY A 61 4.99 8.07 5.83
N ALA A 62 5.24 8.86 4.78
CA ALA A 62 4.47 8.74 3.55
C ALA A 62 5.30 8.15 2.43
N CYS A 63 4.74 7.16 1.73
CA CYS A 63 5.45 6.51 0.63
C CYS A 63 5.66 7.47 -0.52
N CYS A 64 4.79 8.45 -0.60
CA CYS A 64 4.86 9.45 -1.66
C CYS A 64 5.95 10.46 -1.37
N GLU A 65 6.37 11.16 -2.41
CA GLU A 65 7.43 12.13 -2.29
C GLU A 65 7.52 12.95 -3.57
N LYS A 66 7.53 14.26 -3.43
CA LYS A 66 7.60 15.14 -4.57
C LYS A 66 9.01 15.12 -5.15
N CYS A 67 9.50 16.28 -5.58
CA CYS A 67 10.83 16.34 -6.15
C CYS A 67 11.29 17.77 -6.38
N LYS A 68 12.56 17.98 -6.14
CA LYS A 68 13.21 19.28 -6.33
C LYS A 68 14.56 19.38 -5.63
N GLY A 69 15.11 18.23 -5.25
CA GLY A 69 16.39 18.20 -4.59
C GLY A 69 16.62 19.39 -3.68
N TRP A 3 -1.84 -13.61 -10.04
CA TRP A 3 -0.75 -14.61 -9.92
C TRP A 3 -1.18 -15.96 -10.48
N LEU A 4 -0.29 -16.60 -11.23
CA LEU A 4 -0.57 -17.88 -11.86
C LEU A 4 -0.60 -19.04 -10.84
N ILE A 5 -0.48 -18.73 -9.56
CA ILE A 5 -0.49 -19.75 -8.53
C ILE A 5 -1.78 -19.70 -7.73
N THR A 6 -2.40 -20.87 -7.55
CA THR A 6 -3.66 -20.97 -6.81
C THR A 6 -3.42 -21.21 -5.33
N GLY A 7 -4.42 -20.87 -4.51
CA GLY A 7 -4.30 -21.06 -3.07
C GLY A 7 -3.56 -19.92 -2.40
N THR A 8 -3.11 -20.14 -1.17
CA THR A 8 -2.39 -19.12 -0.43
C THR A 8 -3.06 -17.76 -0.56
N GLU A 9 -4.37 -17.73 -0.30
CA GLU A 9 -5.14 -16.51 -0.39
C GLU A 9 -4.61 -15.45 0.56
N ALA A 10 -4.88 -14.19 0.22
CA ALA A 10 -4.44 -13.07 1.03
C ALA A 10 -5.24 -12.95 2.33
N SER A 11 -6.14 -13.91 2.56
CA SER A 11 -6.95 -13.88 3.77
C SER A 11 -6.08 -13.49 4.96
N CYS A 12 -6.73 -13.07 6.04
CA CYS A 12 -6.02 -12.64 7.23
C CYS A 12 -6.35 -13.49 8.46
N GLU A 13 -5.99 -12.96 9.62
CA GLU A 13 -6.26 -13.61 10.90
C GLU A 13 -7.34 -12.84 11.64
N ASN A 14 -7.42 -11.52 11.38
CA ASN A 14 -8.41 -10.65 12.01
C ASN A 14 -9.44 -10.17 10.99
N GLU A 15 -9.73 -8.86 11.00
CA GLU A 15 -10.72 -8.29 10.10
C GLU A 15 -10.52 -6.79 9.98
N GLY A 16 -10.29 -6.35 8.75
CA GLY A 16 -10.09 -4.95 8.48
C GLY A 16 -8.89 -4.35 9.20
N GLU A 17 -7.85 -5.15 9.39
CA GLU A 17 -6.65 -4.68 10.09
C GLU A 17 -5.61 -4.18 9.13
N VAL A 18 -4.84 -5.11 8.64
CA VAL A 18 -3.77 -4.80 7.72
C VAL A 18 -2.79 -5.95 7.70
N LEU A 19 -2.79 -6.66 6.59
CA LEU A 19 -1.95 -7.82 6.43
C LEU A 19 -0.82 -7.57 5.44
N HIS A 20 0.39 -7.73 5.93
CA HIS A 20 1.59 -7.53 5.12
C HIS A 20 1.82 -8.74 4.22
N ILE A 21 2.07 -8.51 2.94
CA ILE A 21 2.29 -9.59 1.99
C ILE A 21 3.52 -9.33 1.12
N PRO A 22 4.38 -10.35 0.97
CA PRO A 22 5.57 -10.24 0.13
C PRO A 22 5.18 -10.00 -1.32
N ASN A 23 5.92 -9.12 -1.99
CA ASN A 23 5.65 -8.78 -3.38
C ASN A 23 4.56 -7.71 -3.47
N ILE A 24 3.57 -7.78 -2.58
CA ILE A 24 2.47 -6.82 -2.56
C ILE A 24 2.81 -5.62 -1.67
N THR A 25 2.80 -5.84 -0.37
CA THR A 25 3.10 -4.79 0.60
C THR A 25 4.60 -4.56 0.72
N ASP A 26 5.38 -5.32 -0.03
CA ASP A 26 6.84 -5.16 0.00
C ASP A 26 7.18 -3.70 -0.15
N ASN A 27 6.27 -2.97 -0.80
CA ASN A 27 6.46 -1.54 -1.02
C ASN A 27 5.61 -0.75 -0.04
N PRO A 28 6.21 0.29 0.59
CA PRO A 28 5.52 1.13 1.56
C PRO A 28 4.21 1.68 1.01
N CYS A 29 4.19 1.89 -0.30
CA CYS A 29 3.02 2.41 -0.97
C CYS A 29 1.91 1.37 -0.99
N ILE A 30 2.28 0.10 -0.86
CA ILE A 30 1.30 -0.99 -0.88
C ILE A 30 1.13 -1.64 0.49
N SER A 31 -0.12 -1.93 0.80
CA SER A 31 -0.51 -2.59 2.05
C SER A 31 -1.79 -3.36 1.80
N CYS A 32 -2.23 -4.20 2.74
CA CYS A 32 -3.45 -4.95 2.56
C CYS A 32 -4.21 -4.95 3.85
N VAL A 33 -5.51 -4.70 3.79
CA VAL A 33 -6.29 -4.75 5.00
C VAL A 33 -7.33 -5.80 4.89
N CYS A 34 -7.39 -6.55 5.93
CA CYS A 34 -8.27 -7.67 5.99
C CYS A 34 -9.72 -7.33 5.64
N LEU A 35 -10.01 -7.26 4.34
CA LEU A 35 -11.36 -6.98 3.87
C LEU A 35 -12.11 -8.26 3.56
N ASN A 36 -13.28 -8.43 4.16
CA ASN A 36 -14.08 -9.62 3.91
C ASN A 36 -13.19 -10.85 3.98
N GLN A 37 -12.30 -10.87 4.97
CA GLN A 37 -11.37 -11.97 5.16
C GLN A 37 -10.42 -12.09 3.99
N LYS A 38 -10.10 -10.95 3.41
CA LYS A 38 -9.19 -10.88 2.29
C LYS A 38 -8.26 -9.68 2.44
N ALA A 39 -7.02 -9.84 2.03
CA ALA A 39 -6.05 -8.76 2.13
C ALA A 39 -6.39 -7.61 1.22
N GLU A 40 -7.19 -6.67 1.71
CA GLU A 40 -7.56 -5.53 0.90
C GLU A 40 -6.37 -4.62 0.68
N CYS A 41 -5.68 -4.78 -0.44
CA CYS A 41 -4.50 -3.96 -0.69
C CYS A 41 -4.78 -2.77 -1.59
N LYS A 42 -3.91 -1.78 -1.42
CA LYS A 42 -3.97 -0.54 -2.16
C LYS A 42 -2.56 0.01 -2.32
N GLN A 43 -2.29 0.59 -3.48
CA GLN A 43 -0.97 1.16 -3.73
C GLN A 43 -1.04 2.67 -3.84
N GLU A 44 0.05 3.32 -3.43
CA GLU A 44 0.13 4.77 -3.46
C GLU A 44 1.11 5.23 -4.52
N LYS A 45 0.73 6.27 -5.21
CA LYS A 45 1.56 6.88 -6.24
C LYS A 45 1.59 8.39 -6.09
N CYS A 46 2.80 8.91 -6.13
CA CYS A 46 3.01 10.34 -6.01
C CYS A 46 2.41 11.09 -7.21
N ALA A 47 2.06 12.35 -6.99
CA ALA A 47 1.46 13.18 -8.03
C ALA A 47 1.09 14.54 -7.48
N PRO A 48 0.44 15.41 -8.28
CA PRO A 48 0.03 16.73 -7.83
C PRO A 48 -0.39 16.73 -6.37
N LEU A 49 -0.39 17.91 -5.77
CA LEU A 49 -0.76 18.06 -4.39
C LEU A 49 -2.20 18.49 -4.28
N ALA A 50 -2.55 18.87 -3.07
CA ALA A 50 -3.86 19.35 -2.78
C ALA A 50 -4.81 18.20 -2.46
N GLU A 51 -6.09 18.41 -2.69
CA GLU A 51 -7.05 17.39 -2.35
C GLU A 51 -6.84 17.04 -0.88
N ASP A 52 -6.18 17.97 -0.19
CA ASP A 52 -5.80 17.85 1.21
C ASP A 52 -4.30 18.09 1.33
N CYS A 53 -3.81 19.06 0.56
CA CYS A 53 -2.40 19.40 0.55
C CYS A 53 -1.93 19.67 1.97
N ALA A 54 -1.08 18.80 2.50
CA ALA A 54 -0.58 18.97 3.85
C ALA A 54 0.89 18.59 4.00
N LEU A 55 1.59 18.46 2.87
CA LEU A 55 2.99 18.11 2.86
C LEU A 55 3.24 17.40 1.57
N VAL A 56 3.72 18.14 0.58
CA VAL A 56 3.98 17.57 -0.74
C VAL A 56 4.98 16.44 -0.62
N VAL A 57 4.50 15.35 -0.01
CA VAL A 57 5.26 14.13 0.24
C VAL A 57 5.65 14.02 1.70
N LYS A 58 5.29 12.89 2.30
CA LYS A 58 5.57 12.65 3.71
C LYS A 58 6.93 11.99 3.92
N GLN A 59 7.45 12.12 5.13
CA GLN A 59 8.75 11.55 5.49
C GLN A 59 8.98 10.21 4.78
N THR A 60 10.24 9.79 4.72
CA THR A 60 10.61 8.54 4.07
C THR A 60 9.73 7.39 4.59
N GLY A 61 9.47 7.39 5.90
CA GLY A 61 8.64 6.35 6.46
C GLY A 61 7.32 6.21 5.72
N ALA A 62 6.93 7.28 5.04
CA ALA A 62 5.71 7.29 4.26
C ALA A 62 6.03 7.18 2.77
N CYS A 63 5.11 6.60 2.01
CA CYS A 63 5.31 6.44 0.59
C CYS A 63 5.31 7.77 -0.12
N CYS A 64 4.37 8.59 0.28
CA CYS A 64 4.21 9.92 -0.31
C CYS A 64 3.17 10.74 0.44
N GLU A 65 2.89 11.93 -0.08
CA GLU A 65 1.93 12.82 0.53
C GLU A 65 1.58 13.95 -0.46
N LYS A 66 1.24 15.14 0.03
CA LYS A 66 0.88 16.26 -0.84
C LYS A 66 0.96 17.63 -0.16
N CYS A 67 1.51 18.55 -0.94
CA CYS A 67 1.72 19.97 -0.60
C CYS A 67 1.60 20.29 0.85
N LYS A 68 2.68 20.80 1.35
CA LYS A 68 2.76 21.19 2.73
C LYS A 68 2.10 22.52 2.92
N GLY A 69 0.84 22.38 3.18
CA GLY A 69 -0.02 23.53 3.39
C GLY A 69 0.56 24.52 4.37
N TRP A 3 -12.14 -13.92 -12.62
CA TRP A 3 -13.06 -15.05 -12.90
C TRP A 3 -13.64 -15.62 -11.61
N LEU A 4 -13.92 -16.92 -11.61
CA LEU A 4 -14.46 -17.58 -10.44
C LEU A 4 -13.67 -17.18 -9.20
N ILE A 5 -12.42 -16.81 -9.43
CA ILE A 5 -11.52 -16.39 -8.36
C ILE A 5 -11.76 -14.93 -7.97
N THR A 6 -11.86 -14.69 -6.67
CA THR A 6 -12.08 -13.35 -6.15
C THR A 6 -10.84 -12.81 -5.45
N GLY A 7 -9.75 -13.56 -5.52
CA GLY A 7 -8.52 -13.14 -4.88
C GLY A 7 -8.52 -13.40 -3.39
N THR A 8 -9.17 -14.48 -2.98
CA THR A 8 -9.26 -14.84 -1.56
C THR A 8 -7.93 -15.39 -1.06
N GLU A 9 -6.98 -15.56 -1.98
CA GLU A 9 -5.66 -16.07 -1.61
C GLU A 9 -5.01 -15.20 -0.54
N ALA A 10 -5.31 -13.91 -0.55
CA ALA A 10 -4.75 -12.99 0.42
C ALA A 10 -5.57 -12.97 1.70
N SER A 11 -6.40 -13.98 1.88
CA SER A 11 -7.24 -14.04 3.07
C SER A 11 -6.42 -13.64 4.29
N CYS A 12 -7.11 -13.27 5.36
CA CYS A 12 -6.44 -12.81 6.56
C CYS A 12 -6.99 -13.49 7.82
N GLU A 13 -6.20 -13.44 8.89
CA GLU A 13 -6.58 -14.04 10.16
C GLU A 13 -7.24 -13.03 11.08
N ASN A 14 -7.33 -11.78 10.64
CA ASN A 14 -7.92 -10.73 11.45
C ASN A 14 -9.12 -10.10 10.75
N GLU A 15 -9.28 -8.77 10.86
CA GLU A 15 -10.40 -8.08 10.23
C GLU A 15 -10.13 -6.58 10.16
N GLY A 16 -10.10 -6.06 8.93
CA GLY A 16 -9.86 -4.65 8.71
C GLY A 16 -8.69 -4.12 9.51
N GLU A 17 -7.57 -4.84 9.47
CA GLU A 17 -6.38 -4.42 10.19
C GLU A 17 -5.31 -3.95 9.26
N VAL A 18 -4.67 -4.91 8.67
CA VAL A 18 -3.58 -4.65 7.75
C VAL A 18 -2.64 -5.83 7.73
N LEU A 19 -2.69 -6.60 6.65
CA LEU A 19 -1.87 -7.78 6.55
C LEU A 19 -0.76 -7.59 5.52
N HIS A 20 0.47 -7.76 5.99
CA HIS A 20 1.64 -7.62 5.12
C HIS A 20 1.90 -8.90 4.33
N ILE A 21 2.09 -8.75 3.04
CA ILE A 21 2.36 -9.89 2.17
C ILE A 21 3.61 -9.64 1.32
N PRO A 22 4.41 -10.69 1.09
CA PRO A 22 5.63 -10.58 0.28
C PRO A 22 5.33 -10.22 -1.16
N ASN A 23 6.04 -9.21 -1.66
CA ASN A 23 5.87 -8.75 -3.05
C ASN A 23 4.66 -7.82 -3.18
N ILE A 24 3.74 -7.90 -2.22
CA ILE A 24 2.54 -7.06 -2.23
C ILE A 24 2.76 -5.78 -1.42
N THR A 25 2.69 -5.91 -0.09
CA THR A 25 2.90 -4.77 0.80
C THR A 25 4.40 -4.50 0.95
N ASP A 26 5.21 -5.25 0.21
CA ASP A 26 6.65 -5.07 0.25
C ASP A 26 6.98 -3.60 0.10
N ASN A 27 6.07 -2.87 -0.56
CA ASN A 27 6.25 -1.45 -0.77
C ASN A 27 5.32 -0.64 0.12
N PRO A 28 5.86 0.42 0.73
CA PRO A 28 5.09 1.30 1.61
C PRO A 28 3.84 1.80 0.92
N CYS A 29 3.94 1.92 -0.39
CA CYS A 29 2.82 2.39 -1.20
C CYS A 29 1.71 1.35 -1.21
N ILE A 30 2.07 0.10 -0.93
CA ILE A 30 1.10 -0.99 -0.91
C ILE A 30 0.91 -1.56 0.49
N SER A 31 -0.36 -1.65 0.88
CA SER A 31 -0.74 -2.23 2.17
C SER A 31 -2.02 -3.01 1.98
N CYS A 32 -2.22 -4.09 2.73
CA CYS A 32 -3.42 -4.88 2.60
C CYS A 32 -4.15 -4.88 3.91
N VAL A 33 -5.43 -4.61 3.90
CA VAL A 33 -6.16 -4.67 5.14
C VAL A 33 -7.21 -5.71 5.06
N CYS A 34 -7.25 -6.45 6.12
CA CYS A 34 -8.14 -7.57 6.23
C CYS A 34 -9.58 -7.22 5.85
N LEU A 35 -9.88 -7.19 4.55
CA LEU A 35 -11.23 -6.89 4.09
C LEU A 35 -11.98 -8.17 3.75
N ASN A 36 -13.13 -8.37 4.37
CA ASN A 36 -13.94 -9.54 4.09
C ASN A 36 -13.07 -10.79 4.08
N GLN A 37 -12.21 -10.92 5.08
CA GLN A 37 -11.30 -12.05 5.16
C GLN A 37 -10.36 -12.04 3.98
N LYS A 38 -10.00 -10.86 3.54
CA LYS A 38 -9.10 -10.72 2.41
C LYS A 38 -8.12 -9.60 2.65
N ALA A 39 -6.95 -9.69 2.06
CA ALA A 39 -5.96 -8.64 2.22
C ALA A 39 -6.31 -7.47 1.35
N GLU A 40 -7.08 -6.54 1.89
CA GLU A 40 -7.48 -5.40 1.12
C GLU A 40 -6.27 -4.54 0.79
N CYS A 41 -5.62 -4.86 -0.31
CA CYS A 41 -4.43 -4.11 -0.70
C CYS A 41 -4.74 -2.94 -1.62
N LYS A 42 -3.92 -1.92 -1.49
CA LYS A 42 -4.03 -0.72 -2.27
C LYS A 42 -2.65 -0.10 -2.46
N GLN A 43 -2.36 0.36 -3.66
CA GLN A 43 -1.05 0.95 -3.96
C GLN A 43 -1.14 2.46 -4.17
N GLU A 44 -0.07 3.14 -3.82
CA GLU A 44 0.03 4.57 -3.96
C GLU A 44 0.98 4.95 -5.07
N LYS A 45 0.60 5.96 -5.80
CA LYS A 45 1.41 6.48 -6.89
C LYS A 45 1.93 7.86 -6.53
N CYS A 46 3.20 8.07 -6.76
CA CYS A 46 3.85 9.34 -6.46
C CYS A 46 4.15 10.13 -7.72
N ALA A 47 4.22 11.46 -7.58
CA ALA A 47 4.50 12.34 -8.71
C ALA A 47 5.93 12.85 -8.70
N PRO A 48 6.42 13.31 -9.87
CA PRO A 48 7.79 13.84 -10.01
C PRO A 48 8.07 14.97 -9.03
N LEU A 49 9.35 15.13 -8.71
CA LEU A 49 9.77 16.15 -7.77
C LEU A 49 10.49 17.31 -8.49
N ALA A 50 11.33 18.05 -7.77
CA ALA A 50 12.04 19.19 -8.34
C ALA A 50 12.96 18.81 -9.49
N GLU A 51 13.24 17.53 -9.58
CA GLU A 51 14.12 16.99 -10.62
C GLU A 51 15.59 17.12 -10.24
N ASP A 52 15.83 17.94 -9.23
CA ASP A 52 17.17 18.16 -8.71
C ASP A 52 17.11 18.18 -7.19
N CYS A 53 16.02 17.62 -6.67
CA CYS A 53 15.78 17.56 -5.24
C CYS A 53 16.61 16.48 -4.58
N ALA A 54 16.52 16.43 -3.25
CA ALA A 54 17.26 15.45 -2.48
C ALA A 54 16.43 14.96 -1.29
N LEU A 55 15.10 15.05 -1.42
CA LEU A 55 14.18 14.62 -0.36
C LEU A 55 13.68 15.84 0.37
N VAL A 56 12.37 16.03 0.34
CA VAL A 56 11.82 17.20 0.99
C VAL A 56 10.63 16.87 1.88
N VAL A 57 10.34 15.59 2.03
CA VAL A 57 9.25 15.14 2.91
C VAL A 57 9.02 13.64 2.82
N LYS A 58 9.59 12.92 3.76
CA LYS A 58 9.45 11.46 3.82
C LYS A 58 9.29 10.99 5.25
N GLN A 59 8.32 10.11 5.47
CA GLN A 59 8.06 9.59 6.81
C GLN A 59 7.74 8.11 6.76
N THR A 60 7.90 7.44 7.90
CA THR A 60 7.64 6.01 8.01
C THR A 60 6.18 5.68 7.70
N GLY A 61 5.29 6.62 8.01
CA GLY A 61 3.87 6.40 7.76
C GLY A 61 3.45 6.83 6.37
N ALA A 62 4.44 7.08 5.51
CA ALA A 62 4.16 7.51 4.15
C ALA A 62 5.04 6.75 3.15
N CYS A 63 4.54 6.60 1.92
CA CYS A 63 5.27 5.90 0.88
C CYS A 63 5.91 6.88 -0.06
N CYS A 64 5.11 7.84 -0.43
CA CYS A 64 5.52 8.89 -1.36
C CYS A 64 6.35 9.96 -0.68
N GLU A 65 7.12 10.65 -1.51
CA GLU A 65 8.00 11.71 -1.06
C GLU A 65 8.03 12.81 -2.11
N LYS A 66 7.78 14.02 -1.69
CA LYS A 66 7.72 15.18 -2.59
C LYS A 66 8.97 15.28 -3.44
N CYS A 67 10.03 14.73 -2.91
CA CYS A 67 11.31 14.75 -3.59
C CYS A 67 11.99 13.39 -3.55
N LYS A 68 13.16 13.31 -2.95
CA LYS A 68 13.93 12.08 -2.88
C LYS A 68 14.90 12.04 -4.03
N GLY A 69 15.14 13.23 -4.58
CA GLY A 69 16.05 13.38 -5.69
C GLY A 69 15.82 12.34 -6.78
N TRP A 3 1.61 -29.62 5.42
CA TRP A 3 2.50 -29.37 4.27
C TRP A 3 3.45 -28.20 4.55
N LEU A 4 4.68 -28.31 4.09
CA LEU A 4 5.72 -27.30 4.30
C LEU A 4 5.51 -26.08 3.41
N ILE A 5 4.43 -26.07 2.63
CA ILE A 5 4.16 -24.95 1.72
C ILE A 5 2.97 -24.13 2.22
N THR A 6 3.12 -22.81 2.29
CA THR A 6 2.04 -21.93 2.77
C THR A 6 0.95 -21.80 1.73
N GLY A 7 -0.25 -21.46 2.18
CA GLY A 7 -1.37 -21.29 1.26
C GLY A 7 -1.25 -20.03 0.44
N THR A 8 -1.79 -20.06 -0.77
CA THR A 8 -1.75 -18.90 -1.66
C THR A 8 -2.94 -17.99 -1.44
N GLU A 9 -3.94 -18.50 -0.72
CA GLU A 9 -5.14 -17.73 -0.42
C GLU A 9 -4.77 -16.44 0.29
N ALA A 10 -5.55 -15.39 0.07
CA ALA A 10 -5.30 -14.10 0.71
C ALA A 10 -6.36 -13.81 1.75
N SER A 11 -7.12 -14.83 2.10
CA SER A 11 -8.18 -14.69 3.09
C SER A 11 -7.61 -14.12 4.38
N CYS A 12 -8.48 -13.93 5.37
CA CYS A 12 -8.04 -13.39 6.65
C CYS A 12 -9.05 -13.65 7.77
N GLU A 13 -8.67 -13.33 9.00
CA GLU A 13 -9.54 -13.57 10.15
C GLU A 13 -10.19 -12.28 10.64
N ASN A 14 -9.37 -11.28 10.95
CA ASN A 14 -9.86 -10.01 11.44
C ASN A 14 -10.11 -9.04 10.31
N GLU A 15 -11.16 -8.24 10.47
CA GLU A 15 -11.52 -7.25 9.48
C GLU A 15 -10.65 -6.01 9.65
N GLY A 16 -9.59 -5.95 8.86
CA GLY A 16 -8.68 -4.82 8.92
C GLY A 16 -7.56 -4.99 9.92
N GLU A 17 -6.84 -6.12 9.87
CA GLU A 17 -5.75 -6.37 10.82
C GLU A 17 -4.39 -6.04 10.21
N VAL A 18 -4.38 -5.84 8.91
CA VAL A 18 -3.16 -5.51 8.17
C VAL A 18 -2.31 -6.77 7.96
N LEU A 19 -1.94 -7.02 6.70
CA LEU A 19 -1.19 -8.23 6.36
C LEU A 19 0.19 -7.91 5.80
N HIS A 20 0.42 -6.65 5.52
CA HIS A 20 1.71 -6.23 4.98
C HIS A 20 2.24 -7.25 3.96
N ILE A 21 1.37 -7.68 3.05
CA ILE A 21 1.75 -8.67 2.04
C ILE A 21 3.22 -8.47 1.62
N PRO A 22 3.95 -9.56 1.42
CA PRO A 22 5.36 -9.50 1.03
C PRO A 22 5.62 -8.59 -0.17
N ASN A 23 5.58 -9.14 -1.37
CA ASN A 23 5.83 -8.38 -2.59
C ASN A 23 4.82 -7.25 -2.82
N ILE A 24 3.58 -7.48 -2.44
CA ILE A 24 2.55 -6.46 -2.65
C ILE A 24 2.83 -5.22 -1.82
N THR A 25 2.91 -5.38 -0.51
CA THR A 25 3.20 -4.24 0.35
C THR A 25 4.71 -3.99 0.38
N ASP A 26 5.49 -4.84 -0.29
CA ASP A 26 6.94 -4.65 -0.36
C ASP A 26 7.17 -3.20 -0.69
N ASN A 27 6.25 -2.65 -1.45
CA ASN A 27 6.30 -1.26 -1.84
C ASN A 27 5.64 -0.44 -0.74
N PRO A 28 6.38 0.54 -0.19
CA PRO A 28 5.87 1.40 0.88
C PRO A 28 4.56 2.04 0.48
N CYS A 29 4.39 2.18 -0.82
CA CYS A 29 3.20 2.77 -1.38
C CYS A 29 2.03 1.79 -1.26
N ILE A 30 2.35 0.50 -1.13
CA ILE A 30 1.32 -0.53 -1.02
C ILE A 30 1.27 -1.14 0.38
N SER A 31 0.06 -1.42 0.82
CA SER A 31 -0.21 -2.03 2.10
C SER A 31 -1.41 -2.94 1.97
N CYS A 32 -1.54 -3.94 2.82
CA CYS A 32 -2.66 -4.83 2.75
C CYS A 32 -3.33 -4.89 4.11
N VAL A 33 -4.61 -5.17 4.10
CA VAL A 33 -5.34 -5.31 5.34
C VAL A 33 -6.36 -6.36 5.22
N CYS A 34 -6.46 -7.09 6.27
CA CYS A 34 -7.31 -8.24 6.31
C CYS A 34 -8.78 -7.82 6.14
N LEU A 35 -9.19 -7.62 4.89
CA LEU A 35 -10.56 -7.20 4.58
C LEU A 35 -11.49 -8.37 4.30
N ASN A 36 -12.65 -8.35 4.95
CA ASN A 36 -13.63 -9.40 4.75
C ASN A 36 -12.93 -10.74 4.71
N GLN A 37 -11.98 -10.93 5.61
CA GLN A 37 -11.22 -12.16 5.65
C GLN A 37 -10.48 -12.33 4.35
N LYS A 38 -9.89 -11.26 3.90
CA LYS A 38 -9.14 -11.24 2.65
C LYS A 38 -8.04 -10.21 2.70
N ALA A 39 -7.17 -10.22 1.70
CA ALA A 39 -6.07 -9.27 1.66
C ALA A 39 -6.49 -7.97 1.02
N GLU A 40 -6.67 -6.95 1.84
CA GLU A 40 -7.07 -5.66 1.34
C GLU A 40 -5.86 -4.82 0.95
N CYS A 41 -5.13 -5.30 -0.03
CA CYS A 41 -3.93 -4.61 -0.48
C CYS A 41 -4.19 -3.69 -1.65
N LYS A 42 -3.64 -2.48 -1.55
CA LYS A 42 -3.80 -1.45 -2.56
C LYS A 42 -2.52 -0.63 -2.68
N GLN A 43 -2.33 0.00 -3.82
CA GLN A 43 -1.14 0.82 -4.04
C GLN A 43 -1.47 2.31 -4.01
N GLU A 44 -0.47 3.11 -3.72
CA GLU A 44 -0.59 4.55 -3.63
C GLU A 44 -0.10 5.21 -4.89
N LYS A 45 -0.82 6.24 -5.27
CA LYS A 45 -0.49 7.03 -6.45
C LYS A 45 -0.25 8.47 -6.05
N CYS A 46 0.90 8.98 -6.44
CA CYS A 46 1.28 10.35 -6.14
C CYS A 46 0.41 11.37 -6.85
N ALA A 47 -0.46 10.86 -7.70
CA ALA A 47 -1.37 11.69 -8.47
C ALA A 47 -2.15 12.65 -7.56
N PRO A 48 -2.03 13.97 -7.80
CA PRO A 48 -2.71 14.99 -7.00
C PRO A 48 -4.24 14.96 -7.14
N LEU A 49 -4.92 15.48 -6.13
CA LEU A 49 -6.38 15.53 -6.11
C LEU A 49 -6.79 16.93 -5.75
N ALA A 50 -8.01 17.06 -5.21
CA ALA A 50 -8.56 18.34 -4.80
C ALA A 50 -7.65 19.51 -5.18
N GLU A 51 -8.12 20.33 -6.09
CA GLU A 51 -7.33 21.47 -6.54
C GLU A 51 -6.88 22.31 -5.35
N ASP A 52 -7.48 22.08 -4.22
CA ASP A 52 -7.11 22.78 -3.00
C ASP A 52 -6.55 21.79 -1.99
N CYS A 53 -6.22 20.59 -2.47
CA CYS A 53 -5.66 19.55 -1.63
C CYS A 53 -4.45 20.07 -0.88
N ALA A 54 -3.55 19.16 -0.51
CA ALA A 54 -2.31 19.52 0.20
C ALA A 54 -1.81 18.39 1.09
N LEU A 55 -2.63 17.37 1.26
CA LEU A 55 -2.30 16.22 2.08
C LEU A 55 -3.54 15.36 2.36
N VAL A 56 -3.36 14.28 3.11
CA VAL A 56 -4.47 13.39 3.47
C VAL A 56 -4.01 11.98 3.79
N VAL A 57 -2.75 11.69 3.47
CA VAL A 57 -2.17 10.38 3.74
C VAL A 57 -0.66 10.44 3.95
N LYS A 58 -0.19 11.58 4.44
CA LYS A 58 1.24 11.77 4.67
C LYS A 58 1.70 11.08 5.96
N GLN A 59 2.83 10.38 5.86
CA GLN A 59 3.40 9.68 7.02
C GLN A 59 4.89 10.00 7.18
N THR A 60 5.44 9.63 8.33
CA THR A 60 6.85 9.89 8.62
C THR A 60 7.76 9.18 7.59
N GLY A 61 7.24 8.12 6.97
CA GLY A 61 8.01 7.38 5.98
C GLY A 61 7.14 6.77 4.90
N ALA A 62 6.03 7.43 4.58
CA ALA A 62 5.12 6.94 3.54
C ALA A 62 5.77 7.07 2.18
N CYS A 63 5.40 6.19 1.26
CA CYS A 63 5.97 6.20 -0.08
C CYS A 63 5.68 7.49 -0.79
N CYS A 64 4.52 8.02 -0.50
CA CYS A 64 4.06 9.26 -1.12
C CYS A 64 2.93 9.88 -0.33
N GLU A 65 2.56 11.08 -0.71
CA GLU A 65 1.51 11.82 -0.04
C GLU A 65 0.41 12.21 -1.02
N LYS A 66 -0.73 11.58 -0.86
CA LYS A 66 -1.87 11.86 -1.73
C LYS A 66 -2.26 13.33 -1.57
N CYS A 67 -3.54 13.63 -1.64
CA CYS A 67 -4.00 14.99 -1.52
C CYS A 67 -5.44 15.08 -1.03
N LYS A 68 -5.72 16.15 -0.33
CA LYS A 68 -7.06 16.41 0.20
C LYS A 68 -7.07 17.41 1.35
N GLY A 69 -6.00 18.19 1.46
CA GLY A 69 -5.92 19.19 2.50
C GLY A 69 -6.95 20.29 2.31
N TRP A 3 -4.59 -17.24 -12.70
CA TRP A 3 -5.82 -17.17 -11.85
C TRP A 3 -5.48 -16.87 -10.41
N LEU A 4 -6.56 -16.80 -9.66
CA LEU A 4 -6.50 -16.65 -8.24
C LEU A 4 -6.34 -18.09 -7.69
N ILE A 5 -6.47 -19.04 -8.63
CA ILE A 5 -6.39 -20.48 -8.40
C ILE A 5 -4.98 -20.87 -7.96
N THR A 6 -4.04 -19.95 -8.07
CA THR A 6 -2.66 -20.19 -7.67
C THR A 6 -2.45 -19.82 -6.20
N GLY A 7 -3.53 -19.42 -5.54
CA GLY A 7 -3.45 -19.03 -4.13
C GLY A 7 -2.99 -17.60 -3.94
N THR A 8 -2.99 -16.84 -5.04
CA THR A 8 -2.58 -15.45 -5.01
C THR A 8 -3.36 -14.65 -3.96
N GLU A 9 -4.61 -15.03 -3.76
CA GLU A 9 -5.45 -14.34 -2.79
C GLU A 9 -4.80 -14.32 -1.42
N ALA A 10 -4.85 -13.17 -0.77
CA ALA A 10 -4.28 -12.99 0.55
C ALA A 10 -5.37 -12.97 1.61
N SER A 11 -5.25 -13.85 2.58
CA SER A 11 -6.21 -13.94 3.66
C SER A 11 -5.62 -13.43 4.95
N CYS A 12 -6.48 -12.98 5.86
CA CYS A 12 -6.03 -12.46 7.14
C CYS A 12 -6.43 -13.38 8.29
N GLU A 13 -6.28 -12.88 9.50
CA GLU A 13 -6.64 -13.61 10.70
C GLU A 13 -7.79 -12.91 11.42
N ASN A 14 -7.96 -11.62 11.14
CA ASN A 14 -9.02 -10.83 11.76
C ASN A 14 -9.93 -10.18 10.71
N GLU A 15 -10.12 -8.86 10.80
CA GLU A 15 -10.96 -8.11 9.88
C GLU A 15 -10.52 -6.65 9.88
N GLY A 16 -10.05 -6.18 8.73
CA GLY A 16 -9.56 -4.83 8.64
C GLY A 16 -8.38 -4.59 9.56
N GLU A 17 -7.50 -5.60 9.68
CA GLU A 17 -6.34 -5.51 10.56
C GLU A 17 -5.04 -5.35 9.83
N VAL A 18 -5.12 -4.90 8.59
CA VAL A 18 -3.94 -4.67 7.79
C VAL A 18 -2.97 -5.83 7.85
N LEU A 19 -2.91 -6.58 6.76
CA LEU A 19 -2.06 -7.74 6.67
C LEU A 19 -0.94 -7.51 5.66
N HIS A 20 0.28 -7.56 6.16
CA HIS A 20 1.45 -7.34 5.31
C HIS A 20 1.70 -8.53 4.39
N ILE A 21 1.92 -8.23 3.11
CA ILE A 21 2.22 -9.25 2.11
C ILE A 21 3.47 -8.85 1.33
N PRO A 22 4.36 -9.80 1.05
CA PRO A 22 5.61 -9.53 0.32
C PRO A 22 5.38 -8.94 -1.06
N ASN A 23 5.27 -9.81 -2.06
CA ASN A 23 5.06 -9.36 -3.45
C ASN A 23 4.05 -8.21 -3.54
N ILE A 24 3.20 -8.08 -2.53
CA ILE A 24 2.18 -7.04 -2.49
C ILE A 24 2.64 -5.81 -1.71
N THR A 25 2.64 -5.92 -0.38
CA THR A 25 3.03 -4.80 0.47
C THR A 25 4.54 -4.60 0.52
N ASP A 26 5.29 -5.45 -0.19
CA ASP A 26 6.75 -5.31 -0.20
C ASP A 26 7.09 -3.83 -0.33
N ASN A 27 6.23 -3.12 -1.06
CA ASN A 27 6.39 -1.68 -1.25
C ASN A 27 5.57 -0.93 -0.22
N PRO A 28 6.20 -0.04 0.55
CA PRO A 28 5.51 0.74 1.56
C PRO A 28 4.25 1.39 1.01
N CYS A 29 4.30 1.71 -0.28
CA CYS A 29 3.16 2.33 -0.95
C CYS A 29 2.00 1.36 -1.00
N ILE A 30 2.30 0.07 -0.83
CA ILE A 30 1.27 -0.95 -0.85
C ILE A 30 1.06 -1.58 0.52
N SER A 31 -0.20 -1.64 0.93
CA SER A 31 -0.60 -2.24 2.20
C SER A 31 -1.87 -3.04 1.96
N CYS A 32 -2.22 -3.99 2.84
CA CYS A 32 -3.42 -4.76 2.65
C CYS A 32 -4.19 -4.79 3.95
N VAL A 33 -5.48 -4.57 3.89
CA VAL A 33 -6.27 -4.65 5.09
C VAL A 33 -7.28 -5.71 4.94
N CYS A 34 -7.37 -6.46 5.98
CA CYS A 34 -8.23 -7.59 5.98
C CYS A 34 -9.67 -7.28 5.59
N LEU A 35 -9.96 -7.28 4.29
CA LEU A 35 -11.31 -7.04 3.81
C LEU A 35 -11.99 -8.37 3.50
N ASN A 36 -13.14 -8.60 4.13
CA ASN A 36 -13.87 -9.83 3.88
C ASN A 36 -12.92 -11.02 3.96
N GLN A 37 -12.00 -10.98 4.91
CA GLN A 37 -11.01 -12.03 5.07
C GLN A 37 -10.06 -12.07 3.89
N LYS A 38 -9.88 -10.92 3.30
CA LYS A 38 -9.00 -10.77 2.16
C LYS A 38 -8.11 -9.55 2.34
N ALA A 39 -6.83 -9.72 2.11
CA ALA A 39 -5.90 -8.62 2.25
C ALA A 39 -6.25 -7.49 1.32
N GLU A 40 -7.11 -6.61 1.77
CA GLU A 40 -7.52 -5.50 0.95
C GLU A 40 -6.37 -4.56 0.75
N CYS A 41 -5.69 -4.68 -0.37
CA CYS A 41 -4.54 -3.83 -0.63
C CYS A 41 -4.83 -2.65 -1.53
N LYS A 42 -3.97 -1.65 -1.38
CA LYS A 42 -4.02 -0.43 -2.13
C LYS A 42 -2.60 0.07 -2.35
N GLN A 43 -2.32 0.60 -3.54
CA GLN A 43 -0.99 1.08 -3.83
C GLN A 43 -0.97 2.59 -4.07
N GLU A 44 0.10 3.22 -3.60
CA GLU A 44 0.27 4.64 -3.73
C GLU A 44 1.13 4.99 -4.93
N LYS A 45 0.69 6.03 -5.61
CA LYS A 45 1.40 6.55 -6.77
C LYS A 45 1.66 8.04 -6.62
N CYS A 46 2.91 8.40 -6.82
CA CYS A 46 3.34 9.78 -6.71
C CYS A 46 3.34 10.48 -8.06
N ALA A 47 2.93 11.75 -8.07
CA ALA A 47 2.89 12.53 -9.30
C ALA A 47 4.13 13.41 -9.42
N PRO A 48 4.39 13.94 -10.63
CA PRO A 48 5.53 14.80 -10.89
C PRO A 48 5.24 16.28 -10.62
N LEU A 49 6.19 16.97 -10.00
CA LEU A 49 6.05 18.39 -9.68
C LEU A 49 7.34 19.13 -9.99
N ALA A 50 7.48 20.33 -9.42
CA ALA A 50 8.67 21.15 -9.62
C ALA A 50 9.86 20.30 -10.00
N GLU A 51 10.35 20.52 -11.20
CA GLU A 51 11.48 19.75 -11.72
C GLU A 51 12.71 19.90 -10.85
N ASP A 52 12.67 20.89 -9.98
CA ASP A 52 13.78 21.13 -9.05
C ASP A 52 13.29 20.92 -7.63
N CYS A 53 12.17 20.20 -7.51
CA CYS A 53 11.56 19.92 -6.22
C CYS A 53 12.53 19.20 -5.28
N ALA A 54 11.96 18.40 -4.37
CA ALA A 54 12.75 17.62 -3.41
C ALA A 54 11.94 17.28 -2.16
N LEU A 55 10.85 18.01 -1.97
CA LEU A 55 9.97 17.82 -0.82
C LEU A 55 9.03 19.01 -0.67
N VAL A 56 8.16 18.96 0.35
CA VAL A 56 7.23 20.06 0.62
C VAL A 56 5.98 19.59 1.37
N VAL A 57 5.78 18.29 1.37
CA VAL A 57 4.63 17.69 2.04
C VAL A 57 4.96 16.29 2.51
N LYS A 58 6.24 16.03 2.68
CA LYS A 58 6.71 14.72 3.13
C LYS A 58 6.25 14.43 4.54
N GLN A 59 5.85 13.17 4.78
CA GLN A 59 5.38 12.74 6.08
C GLN A 59 6.44 11.94 6.83
N THR A 60 6.25 11.79 8.14
CA THR A 60 7.20 11.05 8.96
C THR A 60 7.40 9.64 8.43
N GLY A 61 6.32 8.99 8.01
CA GLY A 61 6.42 7.64 7.49
C GLY A 61 5.51 7.39 6.30
N ALA A 62 5.66 8.20 5.26
CA ALA A 62 4.85 8.05 4.06
C ALA A 62 5.68 7.53 2.88
N CYS A 63 5.17 6.53 2.19
CA CYS A 63 5.86 5.95 1.04
C CYS A 63 6.04 6.96 -0.06
N CYS A 64 5.14 7.91 -0.08
CA CYS A 64 5.14 8.96 -1.09
C CYS A 64 5.61 10.29 -0.54
N GLU A 65 5.87 11.22 -1.43
CA GLU A 65 6.37 12.53 -1.08
C GLU A 65 6.15 13.52 -2.21
N LYS A 66 5.41 14.58 -1.92
CA LYS A 66 5.13 15.61 -2.92
C LYS A 66 6.43 16.17 -3.47
N CYS A 67 6.56 17.48 -3.49
CA CYS A 67 7.79 18.06 -4.00
C CYS A 67 7.69 19.57 -4.16
N LYS A 68 8.81 20.22 -3.88
CA LYS A 68 8.92 21.67 -3.98
C LYS A 68 10.19 22.20 -3.31
N GLY A 69 11.16 21.34 -3.14
CA GLY A 69 12.41 21.74 -2.52
C GLY A 69 12.20 22.65 -1.32
#